data_4S0T
#
_entry.id   4S0T
#
_cell.length_a   119.871
_cell.length_b   119.871
_cell.length_c   84.186
_cell.angle_alpha   90.00
_cell.angle_beta   90.00
_cell.angle_gamma   90.00
#
_symmetry.space_group_name_H-M   'P 4'
#
loop_
_entity.id
_entity.type
_entity.pdbx_description
1 polymer 'Nuclear receptor subfamily 1 group I member 2'
2 polymer Adnectin-1
3 non-polymer N-{(2R)-1-[(4S)-4-(4-chlorophenyl)-4-hydroxy-3,3-dimethylpiperidin-1-yl]-3-methyl-1-oxobutan-2-yl}-2-cyclopropylacetamide
#
loop_
_entity_poly.entity_id
_entity_poly.type
_entity_poly.pdbx_seq_one_letter_code
_entity_poly.pdbx_strand_id
1 'polypeptide(L)'
;MKKHHHHHHGSERTGTQPLGVQGLTEEQRMMIRELMDAQMKTFDTTFSHFKNFRLPGVLSSGCELPESLQAPSREEAAKW
SQVRKDLCSLKVSLQLRGEDGSVWNYKPPADSGGKEIFSLLPHMADMSTYMFKGIISFAKVISYFRDLPIEDQISLLKGA
AFELCQLRFNTVFNAETGTWECGRLSYCLEDTAGGFQQLLLEPMLKFHYMLKKLQLHEEEYVLMQAISLFSPDRPGVLQH
RVVDQLQEQFAITLKSYIECNRPQPAHRFLFLKIMAMLTELRSINAQHTQRLLRIQDIHPFATPLMQELFGITGS
;
A,B
2 'polypeptide(L)'
;MASTSGSTHYYKQTADLEVVAATPTSLLISWPPPYYVEGVTVFRITYGETGGNSPVQEFTVPYWTETATISGLKPGVDYT
ITVYAEMYPGSPWAGQVMDIQPISINYRTEGSGSHHHHHH
;
D,E
#
loop_
_chem_comp.id
_chem_comp.type
_chem_comp.name
_chem_comp.formula
40U non-polymer N-{(2R)-1-[(4S)-4-(4-chlorophenyl)-4-hydroxy-3,3-dimethylpiperidin-1-yl]-3-methyl-1-oxobutan-2-yl}-2-cyclopropylacetamide 'C23 H33 Cl N2 O3'
#
# COMPACT_ATOMS: atom_id res chain seq x y z
N LEU A 24 21.71 47.89 4.29
CA LEU A 24 22.28 46.74 3.60
C LEU A 24 22.73 47.17 2.19
N THR A 25 23.97 46.83 1.80
CA THR A 25 24.52 47.31 0.52
C THR A 25 23.89 46.60 -0.69
N GLU A 26 23.80 47.34 -1.80
CA GLU A 26 23.21 46.93 -3.07
C GLU A 26 23.76 45.63 -3.65
N GLU A 27 25.03 45.28 -3.42
CA GLU A 27 25.50 43.99 -3.97
C GLU A 27 25.02 42.83 -3.07
N GLN A 28 24.90 43.08 -1.74
CA GLN A 28 24.41 42.12 -0.73
C GLN A 28 22.91 41.84 -1.00
N ARG A 29 22.15 42.93 -1.24
CA ARG A 29 20.74 42.94 -1.58
C ARG A 29 20.53 42.10 -2.84
N MET A 30 21.42 42.28 -3.83
CA MET A 30 21.43 41.59 -5.13
C MET A 30 21.66 40.08 -4.98
N MET A 31 22.50 39.69 -4.01
CA MET A 31 22.84 38.29 -3.73
C MET A 31 21.64 37.58 -3.15
N ILE A 32 21.02 38.18 -2.09
CA ILE A 32 19.84 37.65 -1.40
C ILE A 32 18.72 37.43 -2.38
N ARG A 33 18.43 38.49 -3.20
CA ARG A 33 17.44 38.47 -4.26
C ARG A 33 17.64 37.24 -5.16
N GLU A 34 18.88 36.96 -5.55
CA GLU A 34 19.24 35.81 -6.39
C GLU A 34 18.99 34.48 -5.65
N LEU A 35 19.58 34.33 -4.46
CA LEU A 35 19.49 33.15 -3.60
C LEU A 35 18.04 32.80 -3.31
N MET A 36 17.22 33.82 -2.94
CA MET A 36 15.78 33.68 -2.69
C MET A 36 15.02 33.17 -3.93
N ASP A 37 15.38 33.68 -5.14
CA ASP A 37 14.78 33.26 -6.39
C ASP A 37 15.12 31.79 -6.69
N ALA A 38 16.36 31.38 -6.39
CA ALA A 38 16.80 29.99 -6.58
C ALA A 38 16.00 29.06 -5.67
N GLN A 39 15.76 29.46 -4.39
CA GLN A 39 14.94 28.66 -3.46
C GLN A 39 13.57 28.47 -4.08
N MET A 40 12.87 29.57 -4.34
CA MET A 40 11.53 29.59 -4.92
C MET A 40 11.43 28.69 -6.18
N LYS A 41 12.42 28.81 -7.08
CA LYS A 41 12.46 28.05 -8.32
C LYS A 41 12.78 26.57 -8.14
N THR A 42 13.54 26.19 -7.08
CA THR A 42 14.00 24.81 -6.96
C THR A 42 13.60 24.06 -5.67
N PHE A 43 12.82 24.67 -4.76
CA PHE A 43 12.37 23.97 -3.55
C PHE A 43 10.87 23.89 -3.49
N ASP A 44 10.33 22.70 -3.77
CA ASP A 44 8.89 22.46 -3.65
C ASP A 44 8.53 22.07 -2.19
N THR A 45 8.13 23.08 -1.38
CA THR A 45 7.73 22.92 0.02
C THR A 45 6.48 22.03 0.18
N THR A 46 5.83 21.70 -0.93
CA THR A 46 4.63 20.87 -0.93
C THR A 46 4.94 19.40 -1.23
N PHE A 47 6.13 19.13 -1.85
CA PHE A 47 6.64 17.80 -2.24
C PHE A 47 5.68 17.12 -3.21
N SER A 48 4.82 17.94 -3.86
CA SER A 48 3.80 17.50 -4.81
C SER A 48 4.36 16.76 -6.04
N HIS A 49 5.67 16.92 -6.36
CA HIS A 49 6.27 16.23 -7.51
C HIS A 49 7.15 15.05 -7.10
N PHE A 50 7.11 14.69 -5.82
CA PHE A 50 7.80 13.51 -5.33
C PHE A 50 6.73 12.43 -5.44
N LYS A 51 6.92 11.59 -6.46
CA LYS A 51 5.98 10.54 -6.84
C LYS A 51 6.72 9.25 -7.20
N ASN A 52 5.96 8.12 -7.31
CA ASN A 52 6.43 6.79 -7.70
C ASN A 52 7.54 6.25 -6.78
N PHE A 53 7.54 6.74 -5.55
CA PHE A 53 8.50 6.33 -4.52
C PHE A 53 8.11 4.97 -3.99
N ARG A 54 9.10 4.20 -3.59
CA ARG A 54 8.87 2.90 -2.99
C ARG A 54 8.27 3.08 -1.59
N LEU A 55 7.57 2.07 -1.11
CA LEU A 55 6.99 2.06 0.24
C LEU A 55 7.29 0.72 0.91
N PRO A 56 7.38 0.62 2.26
CA PRO A 56 7.61 -0.70 2.89
C PRO A 56 6.37 -1.57 2.73
N GLY A 57 6.57 -2.88 2.60
CA GLY A 57 5.48 -3.84 2.37
C GLY A 57 4.81 -3.74 1.01
N VAL A 58 5.40 -2.92 0.10
CA VAL A 58 4.91 -2.69 -1.26
C VAL A 58 5.97 -3.09 -2.28
N GLU A 67 15.18 -5.38 2.61
CA GLU A 67 15.66 -5.77 1.27
C GLU A 67 16.88 -6.74 1.32
N SER A 68 17.84 -6.51 2.25
CA SER A 68 19.02 -7.37 2.44
C SER A 68 18.66 -8.60 3.29
N LEU A 69 19.12 -9.80 2.87
CA LEU A 69 18.86 -11.07 3.56
C LEU A 69 19.56 -11.11 4.94
N GLN A 70 18.84 -11.60 5.98
CA GLN A 70 19.29 -11.74 7.37
C GLN A 70 20.59 -12.56 7.51
N ALA A 71 21.44 -12.18 8.46
CA ALA A 71 22.62 -12.98 8.78
C ALA A 71 22.33 -13.99 9.89
N PRO A 72 22.62 -15.30 9.62
CA PRO A 72 22.99 -16.08 10.81
C PRO A 72 24.50 -16.21 10.95
N SER A 73 25.20 -16.27 9.82
CA SER A 73 26.47 -16.98 9.75
C SER A 73 27.47 -16.46 10.76
N ARG A 74 27.50 -15.14 10.92
CA ARG A 74 28.70 -14.35 10.62
C ARG A 74 29.66 -14.33 11.81
N GLU A 75 30.83 -13.77 11.59
CA GLU A 75 31.75 -13.45 12.69
C GLU A 75 32.22 -12.00 12.62
N GLU A 76 32.60 -11.58 11.42
CA GLU A 76 33.04 -10.19 11.19
C GLU A 76 31.86 -9.17 11.15
N ALA A 77 30.63 -9.62 11.51
CA ALA A 77 29.42 -8.79 11.54
C ALA A 77 28.59 -8.96 12.85
N ALA A 78 28.78 -8.16 13.95
CA ALA A 78 29.73 -7.07 14.29
C ALA A 78 29.53 -5.76 13.54
N LYS A 79 29.56 -5.80 12.19
CA LYS A 79 29.33 -4.65 11.32
C LYS A 79 27.86 -4.27 11.40
N TRP A 80 26.99 -5.30 11.56
CA TRP A 80 25.53 -5.21 11.73
C TRP A 80 25.13 -4.49 13.00
N SER A 81 25.85 -4.72 14.11
CA SER A 81 25.57 -4.09 15.41
C SER A 81 25.79 -2.58 15.40
N GLN A 82 26.80 -2.12 14.63
CA GLN A 82 27.15 -0.70 14.50
C GLN A 82 26.08 0.04 13.68
N VAL A 83 25.68 -0.52 12.51
CA VAL A 83 24.64 0.00 11.61
C VAL A 83 23.32 0.16 12.37
N ARG A 84 22.94 -0.88 13.16
CA ARG A 84 21.76 -0.91 14.07
C ARG A 84 21.82 0.26 15.04
N LYS A 85 23.03 0.51 15.63
CA LYS A 85 23.32 1.57 16.60
C LYS A 85 23.21 2.96 15.99
N ASP A 86 23.45 3.09 14.67
CA ASP A 86 23.32 4.38 13.98
C ASP A 86 21.87 4.60 13.53
N LEU A 87 21.23 3.55 12.99
CA LEU A 87 19.86 3.60 12.48
C LEU A 87 18.74 3.72 13.51
N CYS A 88 18.84 3.03 14.67
CA CYS A 88 17.77 3.02 15.70
C CYS A 88 17.45 4.40 16.24
N SER A 89 18.47 5.26 16.38
CA SER A 89 18.32 6.62 16.90
C SER A 89 17.52 7.51 15.94
N LEU A 90 17.47 7.13 14.63
CA LEU A 90 16.80 7.89 13.58
C LEU A 90 15.54 7.17 13.07
N LYS A 91 14.84 6.42 13.96
CA LYS A 91 13.63 5.68 13.63
C LYS A 91 12.42 6.62 13.55
N VAL A 92 11.75 6.62 12.38
CA VAL A 92 10.59 7.45 12.06
C VAL A 92 9.41 6.59 11.56
N SER A 93 8.20 7.13 11.62
CA SER A 93 7.02 6.44 11.12
C SER A 93 6.47 7.24 9.93
N LEU A 94 6.05 6.54 8.86
CA LEU A 94 5.52 7.17 7.67
C LEU A 94 3.99 7.29 7.67
N GLN A 95 3.49 8.53 7.42
CA GLN A 95 2.08 8.90 7.31
C GLN A 95 1.85 9.49 5.92
N LEU A 96 0.96 8.85 5.17
CA LEU A 96 0.61 9.20 3.81
C LEU A 96 -0.86 9.61 3.69
N ARG A 97 -1.13 10.95 3.67
CA ARG A 97 -2.48 11.49 3.47
C ARG A 97 -2.84 11.43 1.99
N GLY A 98 -4.05 10.95 1.71
CA GLY A 98 -4.57 10.83 0.36
C GLY A 98 -5.41 12.04 0.02
N GLU A 99 -5.58 12.32 -1.29
CA GLU A 99 -6.37 13.47 -1.73
C GLU A 99 -7.80 13.40 -1.15
N ASP A 100 -8.46 12.25 -1.35
CA ASP A 100 -9.83 11.94 -0.88
C ASP A 100 -10.09 12.25 0.60
N GLY A 101 -9.03 12.23 1.41
CA GLY A 101 -9.10 12.48 2.84
C GLY A 101 -8.57 11.33 3.69
N SER A 102 -8.32 10.16 3.06
CA SER A 102 -7.82 8.97 3.76
C SER A 102 -6.39 9.14 4.31
N VAL A 103 -6.06 8.33 5.32
CA VAL A 103 -4.74 8.41 5.94
C VAL A 103 -4.13 7.02 6.11
N TRP A 104 -3.12 6.67 5.27
CA TRP A 104 -2.37 5.41 5.41
C TRP A 104 -1.17 5.71 6.33
N ASN A 105 -0.99 4.89 7.39
CA ASN A 105 0.03 5.07 8.40
C ASN A 105 0.82 3.81 8.74
N TYR A 106 2.13 3.86 8.49
CA TYR A 106 3.12 2.82 8.76
C TYR A 106 3.85 3.01 10.12
N LYS A 107 3.85 1.95 10.97
CA LYS A 107 4.58 1.89 12.23
C LYS A 107 5.67 0.86 11.95
N PRO A 108 6.96 1.23 12.01
CA PRO A 108 8.02 0.27 11.67
C PRO A 108 8.21 -0.84 12.71
N PRO A 109 8.78 -1.96 12.31
CA PRO A 109 9.03 -3.08 13.22
C PRO A 109 10.05 -2.73 14.28
N ALA A 110 9.88 -3.28 15.48
CA ALA A 110 10.94 -3.31 16.49
C ALA A 110 12.06 -4.26 16.12
N ASP A 111 13.25 -4.01 16.67
CA ASP A 111 14.49 -4.34 16.00
C ASP A 111 14.61 -5.84 15.77
N SER A 112 14.17 -6.64 16.73
CA SER A 112 14.22 -8.09 16.57
C SER A 112 15.68 -8.50 16.37
N GLY A 113 15.95 -9.27 15.31
CA GLY A 113 17.31 -9.49 14.89
C GLY A 113 17.67 -8.48 13.82
N GLY A 114 17.82 -8.95 12.59
CA GLY A 114 18.20 -8.07 11.50
C GLY A 114 17.07 -7.81 10.50
N LYS A 115 17.48 -7.42 9.26
CA LYS A 115 16.67 -7.04 8.09
C LYS A 115 15.67 -5.90 8.39
N GLU A 116 14.69 -6.17 9.28
CA GLU A 116 13.64 -5.29 9.80
C GLU A 116 14.08 -3.83 9.89
N ILE A 117 15.34 -3.60 10.29
CA ILE A 117 15.95 -2.31 10.50
C ILE A 117 16.05 -1.44 9.24
N PHE A 118 16.00 -2.06 8.04
CA PHE A 118 16.15 -1.36 6.76
C PHE A 118 14.87 -1.15 5.94
N SER A 119 13.69 -1.59 6.46
CA SER A 119 12.36 -1.53 5.82
C SER A 119 12.00 -0.19 5.18
N LEU A 120 12.48 0.92 5.77
CA LEU A 120 12.17 2.25 5.29
C LEU A 120 13.28 2.92 4.44
N LEU A 121 14.49 2.29 4.36
CA LEU A 121 15.63 2.83 3.61
C LEU A 121 15.45 2.91 2.08
N PRO A 122 14.69 1.99 1.39
CA PRO A 122 14.49 2.16 -0.06
C PRO A 122 13.57 3.36 -0.34
N HIS A 123 12.64 3.67 0.56
CA HIS A 123 11.80 4.85 0.40
C HIS A 123 12.70 6.08 0.55
N MET A 124 13.48 6.12 1.64
CA MET A 124 14.40 7.21 1.96
C MET A 124 15.40 7.45 0.85
N ALA A 125 15.80 6.38 0.10
CA ALA A 125 16.70 6.52 -1.05
C ALA A 125 15.98 7.41 -2.10
N ASP A 126 14.73 7.07 -2.44
CA ASP A 126 13.91 7.83 -3.38
C ASP A 126 13.68 9.27 -2.88
N MET A 127 13.63 9.45 -1.53
CA MET A 127 13.41 10.76 -0.89
C MET A 127 14.65 11.61 -1.05
N SER A 128 15.83 11.02 -0.90
CA SER A 128 17.09 11.75 -1.02
C SER A 128 17.32 12.12 -2.46
N THR A 129 16.92 11.25 -3.38
CA THR A 129 17.09 11.44 -4.82
C THR A 129 16.23 12.62 -5.30
N TYR A 130 14.97 12.73 -4.81
CA TYR A 130 14.09 13.85 -5.15
C TYR A 130 14.74 15.15 -4.70
N MET A 131 15.22 15.16 -3.42
CA MET A 131 15.84 16.30 -2.73
C MET A 131 17.08 16.78 -3.44
N PHE A 132 17.93 15.83 -3.90
CA PHE A 132 19.19 16.09 -4.61
C PHE A 132 18.99 16.77 -5.93
N LYS A 133 17.96 16.38 -6.70
CA LYS A 133 17.64 17.01 -7.98
C LYS A 133 17.45 18.53 -7.72
N GLY A 134 16.62 18.85 -6.73
CA GLY A 134 16.33 20.23 -6.34
C GLY A 134 17.52 21.04 -5.89
N ILE A 135 18.46 20.41 -5.16
CA ILE A 135 19.71 20.98 -4.64
C ILE A 135 20.56 21.36 -5.84
N ILE A 136 20.87 20.38 -6.75
CA ILE A 136 21.65 20.59 -7.96
C ILE A 136 21.03 21.77 -8.74
N SER A 137 19.69 21.74 -8.97
CA SER A 137 18.92 22.81 -9.62
C SER A 137 19.16 24.15 -8.93
N PHE A 138 19.19 24.18 -7.57
CA PHE A 138 19.42 25.37 -6.76
C PHE A 138 20.74 25.99 -7.14
N ALA A 139 21.84 25.20 -7.03
CA ALA A 139 23.20 25.61 -7.36
C ALA A 139 23.25 26.16 -8.80
N LYS A 140 22.77 25.38 -9.80
CA LYS A 140 22.72 25.75 -11.22
C LYS A 140 22.04 27.09 -11.51
N VAL A 141 21.08 27.50 -10.69
CA VAL A 141 20.36 28.77 -10.87
C VAL A 141 21.26 29.96 -10.53
N ILE A 142 21.99 29.87 -9.39
CA ILE A 142 22.93 30.89 -8.90
C ILE A 142 24.06 31.18 -9.90
N SER A 143 24.24 32.47 -10.26
CA SER A 143 25.26 32.98 -11.19
C SER A 143 26.66 32.59 -10.76
N TYR A 144 27.05 32.93 -9.50
CA TYR A 144 28.36 32.62 -8.93
C TYR A 144 28.66 31.12 -8.87
N PHE A 145 27.75 30.26 -9.36
CA PHE A 145 27.96 28.80 -9.42
C PHE A 145 28.25 28.34 -10.85
N ARG A 146 27.47 28.84 -11.84
CA ARG A 146 27.68 28.52 -13.25
C ARG A 146 29.05 29.06 -13.71
N ASP A 147 29.43 30.29 -13.22
CA ASP A 147 30.69 30.98 -13.50
C ASP A 147 31.91 30.14 -13.13
N LEU A 148 31.81 29.34 -12.05
CA LEU A 148 32.85 28.44 -11.57
C LEU A 148 33.19 27.32 -12.59
N PRO A 149 34.40 26.71 -12.53
CA PRO A 149 34.71 25.65 -13.50
C PRO A 149 34.07 24.31 -13.11
N ILE A 150 33.63 23.50 -14.12
CA ILE A 150 32.97 22.20 -13.97
C ILE A 150 33.61 21.33 -12.87
N GLU A 151 34.92 21.13 -12.92
CA GLU A 151 35.69 20.33 -11.95
C GLU A 151 35.47 20.78 -10.48
N ASP A 152 35.19 22.09 -10.28
CA ASP A 152 34.93 22.67 -8.98
C ASP A 152 33.43 22.68 -8.64
N GLN A 153 32.56 22.67 -9.68
CA GLN A 153 31.10 22.59 -9.55
C GLN A 153 30.83 21.22 -8.96
N ILE A 154 31.39 20.17 -9.61
CA ILE A 154 31.31 18.77 -9.21
C ILE A 154 31.74 18.59 -7.78
N SER A 155 32.83 19.26 -7.35
CA SER A 155 33.37 19.11 -6.01
C SER A 155 32.47 19.66 -4.91
N LEU A 156 31.82 20.82 -5.16
CA LEU A 156 30.93 21.49 -4.19
C LEU A 156 29.60 20.73 -3.99
N LEU A 157 28.98 20.29 -5.10
CA LEU A 157 27.74 19.53 -5.03
C LEU A 157 27.98 18.13 -4.44
N LYS A 158 29.16 17.53 -4.66
CA LYS A 158 29.51 16.22 -4.12
C LYS A 158 29.73 16.30 -2.60
N GLY A 159 30.07 17.51 -2.12
CA GLY A 159 30.35 17.75 -0.71
C GLY A 159 29.27 18.43 0.10
N ALA A 160 28.39 19.23 -0.56
CA ALA A 160 27.36 19.97 0.16
C ALA A 160 25.93 19.50 -0.08
N ALA A 161 25.69 18.58 -1.04
CA ALA A 161 24.34 18.08 -1.33
C ALA A 161 23.60 17.63 -0.06
N PHE A 162 24.19 16.72 0.76
CA PHE A 162 23.59 16.28 2.03
C PHE A 162 23.23 17.44 2.96
N GLU A 163 24.15 18.41 3.13
CA GLU A 163 23.95 19.54 4.02
C GLU A 163 22.81 20.46 3.60
N LEU A 164 22.72 20.77 2.29
CA LEU A 164 21.72 21.65 1.69
C LEU A 164 20.30 21.08 1.89
N CYS A 165 20.20 19.78 1.66
CA CYS A 165 19.03 18.94 1.78
C CYS A 165 18.56 18.89 3.26
N GLN A 166 19.50 18.78 4.21
CA GLN A 166 19.22 18.78 5.66
C GLN A 166 18.72 20.15 6.15
N LEU A 167 19.16 21.21 5.47
CA LEU A 167 18.74 22.55 5.83
C LEU A 167 17.34 22.73 5.37
N ARG A 168 17.03 22.21 4.15
CA ARG A 168 15.71 22.27 3.53
C ARG A 168 14.70 21.46 4.34
N PHE A 169 15.15 20.30 4.85
CA PHE A 169 14.33 19.42 5.70
C PHE A 169 13.97 20.11 6.99
N ASN A 170 14.90 20.89 7.56
CA ASN A 170 14.62 21.63 8.77
C ASN A 170 13.49 22.66 8.60
N THR A 171 13.33 23.20 7.38
CA THR A 171 12.32 24.24 7.12
C THR A 171 10.90 23.69 7.34
N VAL A 172 10.67 22.39 7.07
CA VAL A 172 9.39 21.69 7.19
C VAL A 172 9.30 20.89 8.53
N PHE A 173 10.35 20.98 9.37
CA PHE A 173 10.41 20.30 10.66
C PHE A 173 9.56 21.01 11.69
N ASN A 174 8.83 20.25 12.48
CA ASN A 174 7.96 20.72 13.57
C ASN A 174 8.56 20.14 14.86
N ALA A 175 9.25 20.99 15.63
CA ALA A 175 9.95 20.63 16.85
C ALA A 175 9.03 20.18 17.96
N GLU A 176 7.79 20.68 17.97
CA GLU A 176 6.83 20.31 19.02
C GLU A 176 6.43 18.84 18.88
N THR A 177 6.10 18.41 17.65
CA THR A 177 5.60 17.07 17.34
C THR A 177 6.66 16.08 16.84
N GLY A 178 7.88 16.57 16.59
CA GLY A 178 9.00 15.79 16.07
C GLY A 178 8.72 15.22 14.69
N THR A 179 8.02 16.01 13.85
CA THR A 179 7.61 15.61 12.51
C THR A 179 8.20 16.48 11.41
N TRP A 180 8.52 15.86 10.27
CA TRP A 180 8.92 16.53 9.05
C TRP A 180 7.65 16.47 8.19
N GLU A 181 6.94 17.61 8.07
CA GLU A 181 5.74 17.74 7.29
C GLU A 181 6.09 18.01 5.82
N CYS A 182 6.03 16.96 4.98
CA CYS A 182 6.38 17.07 3.56
C CYS A 182 5.14 16.97 2.65
N GLY A 183 4.13 17.82 2.88
CA GLY A 183 2.91 17.87 2.09
C GLY A 183 2.02 16.66 2.34
N ARG A 184 1.89 15.75 1.35
CA ARG A 184 1.12 14.52 1.51
C ARG A 184 1.85 13.58 2.52
N LEU A 185 3.21 13.50 2.44
CA LEU A 185 4.05 12.69 3.35
C LEU A 185 4.37 13.38 4.69
N SER A 186 4.55 12.58 5.75
CA SER A 186 4.92 13.03 7.08
C SER A 186 5.78 11.96 7.76
N TYR A 187 6.94 12.38 8.27
CA TYR A 187 7.87 11.45 8.91
C TYR A 187 8.07 11.95 10.33
N CYS A 188 7.55 11.18 11.29
CA CYS A 188 7.53 11.52 12.70
C CYS A 188 8.43 10.55 13.46
N LEU A 189 9.39 11.07 14.26
CA LEU A 189 10.31 10.26 15.05
C LEU A 189 9.59 9.40 16.10
N GLU A 190 10.03 8.14 16.26
CA GLU A 190 9.49 7.18 17.21
C GLU A 190 9.94 7.53 18.62
N ASP A 191 9.13 7.15 19.63
CA ASP A 191 9.49 7.39 21.03
C ASP A 191 10.61 6.44 21.47
N THR A 192 11.44 6.86 22.45
CA THR A 192 12.54 6.05 22.96
C THR A 192 12.44 5.91 24.48
N ALA A 193 12.29 7.06 25.18
CA ALA A 193 12.20 7.23 26.64
C ALA A 193 13.13 6.24 27.49
N GLY A 194 14.45 6.17 27.24
CA GLY A 194 15.25 6.87 26.23
C GLY A 194 15.16 8.39 26.23
N GLY A 195 14.82 8.92 25.05
CA GLY A 195 14.71 10.35 24.74
C GLY A 195 13.78 11.11 25.67
N PHE A 196 13.85 12.47 25.73
CA PHE A 196 14.65 13.45 25.01
C PHE A 196 16.15 13.39 25.32
N GLN A 197 16.52 12.76 26.46
CA GLN A 197 17.91 12.59 26.89
C GLN A 197 18.64 11.78 25.82
N GLN A 198 18.03 10.66 25.37
CA GLN A 198 18.61 9.82 24.32
C GLN A 198 18.46 10.47 22.95
N LEU A 199 17.32 11.14 22.71
CA LEU A 199 17.04 11.79 21.43
C LEU A 199 18.15 12.73 21.00
N LEU A 200 18.43 13.80 21.77
CA LEU A 200 19.46 14.81 21.46
C LEU A 200 20.92 14.31 21.57
N LEU A 201 21.15 13.06 22.00
CA LEU A 201 22.48 12.44 22.08
C LEU A 201 22.98 12.07 20.69
N GLU A 202 22.05 11.98 19.71
CA GLU A 202 22.24 11.74 18.27
C GLU A 202 22.42 13.14 17.63
N PRO A 203 23.63 13.45 17.11
CA PRO A 203 23.90 14.80 16.55
C PRO A 203 22.89 15.36 15.56
N MET A 204 22.38 14.49 14.67
CA MET A 204 21.44 14.84 13.62
C MET A 204 20.16 15.45 14.12
N LEU A 205 19.60 14.89 15.23
CA LEU A 205 18.36 15.37 15.83
C LEU A 205 18.55 16.62 16.68
N LYS A 206 19.71 16.70 17.43
CA LYS A 206 20.08 17.87 18.23
C LYS A 206 20.17 19.07 17.29
N PHE A 207 20.66 18.84 16.07
CA PHE A 207 20.78 19.84 15.02
C PHE A 207 19.40 20.41 14.63
N HIS A 208 18.46 19.56 14.18
CA HIS A 208 17.13 20.03 13.78
C HIS A 208 16.38 20.77 14.89
N TYR A 209 16.47 20.24 16.11
CA TYR A 209 15.86 20.82 17.30
C TYR A 209 16.49 22.17 17.67
N MET A 210 17.86 22.27 17.63
CA MET A 210 18.57 23.51 17.96
C MET A 210 18.42 24.57 16.88
N LEU A 211 18.47 24.14 15.59
CA LEU A 211 18.29 25.01 14.41
C LEU A 211 16.88 25.58 14.34
N LYS A 212 15.87 24.76 14.75
CA LYS A 212 14.48 25.18 14.77
C LYS A 212 14.29 26.29 15.77
N LYS A 213 14.84 26.10 17.01
CA LYS A 213 14.81 27.05 18.14
C LYS A 213 15.18 28.47 17.71
N LEU A 214 16.23 28.61 16.86
CA LEU A 214 16.73 29.87 16.29
C LEU A 214 15.66 30.68 15.55
N GLN A 215 14.64 29.99 14.96
CA GLN A 215 13.50 30.57 14.23
C GLN A 215 13.95 31.55 13.14
N LEU A 216 14.73 31.02 12.21
CA LEU A 216 15.33 31.79 11.13
C LEU A 216 14.38 32.20 10.05
N HIS A 217 14.73 33.27 9.35
CA HIS A 217 13.97 33.85 8.23
C HIS A 217 14.24 33.02 7.00
N GLU A 218 13.44 33.20 5.94
CA GLU A 218 13.67 32.47 4.69
C GLU A 218 15.04 32.88 4.11
N GLU A 219 15.39 34.19 4.28
CA GLU A 219 16.64 34.83 3.85
C GLU A 219 17.85 34.19 4.53
N GLU A 220 17.74 33.90 5.83
CA GLU A 220 18.80 33.26 6.62
C GLU A 220 19.09 31.81 6.21
N TYR A 221 18.01 30.99 5.99
CA TYR A 221 18.11 29.57 5.59
C TYR A 221 18.80 29.46 4.24
N VAL A 222 18.45 30.35 3.30
CA VAL A 222 19.02 30.34 1.96
C VAL A 222 20.49 30.83 1.97
N LEU A 223 20.83 31.88 2.78
CA LEU A 223 22.21 32.36 2.93
C LEU A 223 23.03 31.24 3.53
N MET A 224 22.47 30.59 4.58
CA MET A 224 23.04 29.42 5.25
C MET A 224 23.34 28.34 4.18
N GLN A 225 22.39 28.14 3.21
CA GLN A 225 22.52 27.19 2.11
C GLN A 225 23.67 27.54 1.16
N ALA A 226 23.87 28.86 0.91
CA ALA A 226 24.93 29.41 0.04
C ALA A 226 26.31 29.16 0.65
N ILE A 227 26.47 29.54 1.96
CA ILE A 227 27.69 29.37 2.76
C ILE A 227 28.09 27.88 2.83
N SER A 228 27.09 26.99 2.95
CA SER A 228 27.36 25.55 2.95
C SER A 228 27.80 25.08 1.54
N LEU A 229 27.15 25.61 0.47
CA LEU A 229 27.46 25.23 -0.90
C LEU A 229 28.89 25.64 -1.26
N PHE A 230 29.19 26.94 -1.15
CA PHE A 230 30.50 27.48 -1.46
C PHE A 230 31.42 27.34 -0.23
N SER A 231 31.94 26.13 -0.03
CA SER A 231 32.86 25.82 1.08
C SER A 231 34.20 25.38 0.44
N PRO A 232 35.31 26.14 0.63
CA PRO A 232 36.56 25.78 -0.08
C PRO A 232 37.26 24.51 0.45
N ASP A 233 37.10 24.23 1.75
CA ASP A 233 37.66 23.11 2.52
C ASP A 233 37.36 21.73 1.89
N ARG A 234 36.26 21.62 1.12
CA ARG A 234 35.78 20.39 0.49
C ARG A 234 36.83 19.65 -0.37
N PRO A 235 37.01 18.32 -0.19
CA PRO A 235 37.97 17.59 -1.03
C PRO A 235 37.60 17.64 -2.51
N GLY A 236 38.60 17.89 -3.36
CA GLY A 236 38.43 17.99 -4.81
C GLY A 236 38.51 19.40 -5.37
N VAL A 237 38.36 20.44 -4.49
CA VAL A 237 38.39 21.85 -4.86
C VAL A 237 39.82 22.23 -5.30
N LEU A 238 39.94 22.68 -6.56
CA LEU A 238 41.20 23.12 -7.16
C LEU A 238 41.32 24.64 -6.97
N GLN A 239 40.33 25.44 -7.48
CA GLN A 239 40.30 26.90 -7.37
C GLN A 239 39.83 27.39 -5.99
N HIS A 240 40.65 27.10 -4.95
CA HIS A 240 40.44 27.42 -3.53
C HIS A 240 40.13 28.87 -3.21
N ARG A 241 40.93 29.80 -3.79
CA ARG A 241 40.79 31.24 -3.57
C ARG A 241 39.45 31.80 -4.08
N VAL A 242 39.09 31.40 -5.31
CA VAL A 242 37.88 31.82 -6.04
C VAL A 242 36.60 31.46 -5.26
N VAL A 243 36.62 30.33 -4.52
CA VAL A 243 35.48 29.84 -3.72
C VAL A 243 35.46 30.50 -2.35
N ASP A 244 36.60 30.51 -1.61
CA ASP A 244 36.73 31.11 -0.27
C ASP A 244 36.29 32.56 -0.23
N GLN A 245 36.53 33.32 -1.32
CA GLN A 245 36.12 34.73 -1.41
C GLN A 245 34.58 34.84 -1.46
N LEU A 246 33.91 33.86 -2.14
CA LEU A 246 32.46 33.80 -2.25
C LEU A 246 31.81 33.43 -0.93
N GLN A 247 32.33 32.40 -0.23
CA GLN A 247 31.83 32.02 1.09
C GLN A 247 31.80 33.29 2.00
N GLU A 248 32.96 34.00 2.09
CA GLU A 248 33.15 35.21 2.89
C GLU A 248 32.11 36.28 2.56
N GLN A 249 31.79 36.46 1.25
CA GLN A 249 30.81 37.41 0.75
C GLN A 249 29.43 37.13 1.37
N PHE A 250 28.91 35.90 1.17
CA PHE A 250 27.62 35.45 1.71
C PHE A 250 27.63 35.51 3.24
N ALA A 251 28.76 35.15 3.89
CA ALA A 251 28.91 35.23 5.34
C ALA A 251 28.70 36.67 5.83
N ILE A 252 29.33 37.66 5.13
CA ILE A 252 29.17 39.08 5.46
C ILE A 252 27.71 39.47 5.18
N THR A 253 27.16 39.04 4.02
CA THR A 253 25.77 39.27 3.60
C THR A 253 24.77 38.77 4.66
N LEU A 254 25.08 37.62 5.30
CA LEU A 254 24.29 37.03 6.37
C LEU A 254 24.39 37.89 7.62
N LYS A 255 25.63 38.12 8.14
CA LYS A 255 25.93 38.94 9.31
C LYS A 255 25.29 40.32 9.22
N SER A 256 25.30 40.92 8.00
CA SER A 256 24.73 42.24 7.75
C SER A 256 23.22 42.23 7.85
N TYR A 257 22.58 41.23 7.22
CA TYR A 257 21.13 41.03 7.22
C TYR A 257 20.58 41.04 8.65
N ILE A 258 21.23 40.28 9.56
CA ILE A 258 20.84 40.21 10.97
C ILE A 258 20.96 41.58 11.66
N GLU A 259 22.02 42.34 11.33
CA GLU A 259 22.28 43.70 11.84
C GLU A 259 21.28 44.75 11.29
N CYS A 260 20.54 44.43 10.21
CA CYS A 260 19.56 45.33 9.59
C CYS A 260 18.12 45.00 9.90
N ASN A 261 17.75 43.70 9.78
CA ASN A 261 16.37 43.23 9.91
C ASN A 261 16.01 42.58 11.26
N ARG A 262 16.95 42.52 12.22
CA ARG A 262 16.64 41.95 13.54
C ARG A 262 17.08 42.88 14.68
N PRO A 263 16.25 43.10 15.74
CA PRO A 263 16.67 44.01 16.84
C PRO A 263 17.97 43.55 17.50
N GLN A 264 19.07 44.23 17.08
CA GLN A 264 20.47 43.98 17.42
C GLN A 264 20.78 43.65 18.90
N PRO A 265 20.23 44.30 19.97
CA PRO A 265 20.60 43.89 21.35
C PRO A 265 20.47 42.38 21.64
N ALA A 266 19.26 41.79 21.45
CA ALA A 266 18.99 40.37 21.68
C ALA A 266 19.57 39.47 20.60
N HIS A 267 19.57 39.94 19.33
CA HIS A 267 20.06 39.18 18.18
C HIS A 267 21.48 39.54 17.76
N ARG A 268 22.35 39.86 18.73
CA ARG A 268 23.75 40.19 18.49
C ARG A 268 24.56 38.90 18.21
N PHE A 269 24.35 37.87 19.05
CA PHE A 269 25.05 36.59 19.02
C PHE A 269 24.49 35.57 17.98
N LEU A 270 23.46 35.93 17.19
CA LEU A 270 22.84 35.04 16.20
C LEU A 270 23.79 34.60 15.07
N PHE A 271 24.52 35.55 14.43
CA PHE A 271 25.43 35.21 13.33
C PHE A 271 26.43 34.11 13.70
N LEU A 272 27.07 34.24 14.86
CA LEU A 272 28.04 33.25 15.32
C LEU A 272 27.39 31.91 15.60
N LYS A 273 26.15 31.91 16.15
CA LYS A 273 25.34 30.71 16.41
C LYS A 273 25.10 29.93 15.10
N ILE A 274 24.62 30.65 14.04
CA ILE A 274 24.34 30.10 12.70
C ILE A 274 25.62 29.51 12.12
N MET A 275 26.76 30.23 12.27
CA MET A 275 28.05 29.81 11.75
C MET A 275 28.55 28.53 12.40
N ALA A 276 28.24 28.37 13.70
CA ALA A 276 28.60 27.20 14.50
C ALA A 276 27.79 26.00 14.07
N MET A 277 26.50 26.23 13.72
CA MET A 277 25.53 25.22 13.26
C MET A 277 26.03 24.58 11.96
N LEU A 278 26.61 25.41 11.06
CA LEU A 278 27.18 24.97 9.77
C LEU A 278 28.49 24.14 9.97
N THR A 279 29.23 24.42 11.06
CA THR A 279 30.43 23.66 11.46
C THR A 279 29.95 22.27 11.90
N GLU A 280 28.84 22.23 12.70
CA GLU A 280 28.25 20.98 13.13
C GLU A 280 27.65 20.25 11.94
N LEU A 281 27.03 21.00 11.00
CA LEU A 281 26.47 20.38 9.80
C LEU A 281 27.53 19.69 8.94
N ARG A 282 28.77 20.29 8.87
CA ARG A 282 29.92 19.76 8.14
C ARG A 282 30.37 18.46 8.79
N SER A 283 30.36 18.41 10.16
CA SER A 283 30.74 17.21 10.92
C SER A 283 29.66 16.15 10.90
N ILE A 284 28.37 16.54 10.79
CA ILE A 284 27.27 15.58 10.69
C ILE A 284 27.47 14.90 9.34
N ASN A 285 27.76 15.69 8.28
CA ASN A 285 28.01 15.21 6.92
C ASN A 285 29.09 14.11 6.89
N ALA A 286 30.17 14.31 7.68
CA ALA A 286 31.28 13.38 7.82
C ALA A 286 30.79 12.07 8.44
N GLN A 287 30.09 12.19 9.58
CA GLN A 287 29.49 11.12 10.35
C GLN A 287 28.52 10.35 9.44
N HIS A 288 27.75 11.08 8.61
CA HIS A 288 26.78 10.53 7.67
C HIS A 288 27.45 9.74 6.55
N THR A 289 28.50 10.31 5.91
CA THR A 289 29.21 9.63 4.80
C THR A 289 29.74 8.30 5.30
N GLN A 290 30.20 8.29 6.56
CA GLN A 290 30.74 7.11 7.23
C GLN A 290 29.65 6.09 7.51
N ARG A 291 28.51 6.53 8.07
CA ARG A 291 27.35 5.68 8.35
C ARG A 291 26.82 5.03 7.05
N LEU A 292 26.80 5.82 5.95
CA LEU A 292 26.31 5.36 4.65
C LEU A 292 27.18 4.26 4.03
N LEU A 293 28.51 4.36 4.19
CA LEU A 293 29.48 3.37 3.70
C LEU A 293 29.30 2.04 4.41
N ARG A 294 28.99 2.08 5.73
CA ARG A 294 28.75 0.88 6.54
C ARG A 294 27.43 0.22 6.13
N ILE A 295 26.41 1.06 5.80
CA ILE A 295 25.08 0.62 5.34
C ILE A 295 25.23 -0.05 3.96
N GLN A 296 25.96 0.62 3.06
CA GLN A 296 26.23 0.16 1.70
C GLN A 296 27.06 -1.12 1.70
N ASP A 297 27.84 -1.35 2.78
CA ASP A 297 28.66 -2.55 2.93
C ASP A 297 27.80 -3.77 3.16
N ILE A 298 26.62 -3.58 3.80
CA ILE A 298 25.64 -4.64 4.06
C ILE A 298 24.77 -4.89 2.80
N HIS A 299 24.17 -3.81 2.25
CA HIS A 299 23.31 -3.91 1.06
C HIS A 299 23.36 -2.62 0.26
N PRO A 300 23.42 -2.66 -1.10
CA PRO A 300 23.46 -1.41 -1.88
C PRO A 300 22.08 -0.77 -2.00
N PHE A 301 21.81 0.19 -1.10
CA PHE A 301 20.52 0.88 -1.05
C PHE A 301 20.49 2.14 -1.89
N ALA A 302 21.64 2.85 -1.92
CA ALA A 302 21.86 4.10 -2.65
C ALA A 302 21.59 3.97 -4.13
N THR A 303 20.91 4.97 -4.65
CA THR A 303 20.49 5.14 -6.04
C THR A 303 21.68 5.63 -6.89
N PRO A 304 21.69 5.46 -8.24
CA PRO A 304 22.83 5.95 -9.04
C PRO A 304 23.19 7.41 -8.76
N LEU A 305 22.16 8.30 -8.58
CA LEU A 305 22.37 9.72 -8.28
C LEU A 305 23.04 9.90 -6.91
N MET A 306 22.63 9.07 -5.91
CA MET A 306 23.22 9.14 -4.57
C MET A 306 24.63 8.69 -4.66
N GLN A 307 24.88 7.61 -5.43
CA GLN A 307 26.22 7.07 -5.66
C GLN A 307 27.16 8.12 -6.26
N GLU A 308 26.73 8.77 -7.36
CA GLU A 308 27.51 9.81 -8.03
C GLU A 308 27.89 11.00 -7.13
N LEU A 309 27.12 11.25 -6.05
CA LEU A 309 27.36 12.33 -5.10
C LEU A 309 28.20 11.89 -3.90
N PHE A 310 28.25 10.57 -3.62
CA PHE A 310 28.97 10.01 -2.46
C PHE A 310 30.16 9.20 -2.90
N GLY B 23 -28.88 -37.28 28.68
CA GLY B 23 -27.78 -37.36 27.72
C GLY B 23 -28.15 -37.05 26.27
N LEU B 24 -27.13 -36.73 25.43
CA LEU B 24 -27.31 -36.41 24.01
C LEU B 24 -27.25 -37.69 23.20
N THR B 25 -28.26 -37.92 22.34
CA THR B 25 -28.41 -39.15 21.56
C THR B 25 -27.35 -39.27 20.46
N GLU B 26 -27.00 -40.52 20.13
CA GLU B 26 -25.98 -40.90 19.17
C GLU B 26 -26.16 -40.32 17.77
N GLU B 27 -27.37 -40.05 17.31
CA GLU B 27 -27.48 -39.44 15.97
C GLU B 27 -27.19 -37.93 16.05
N GLN B 28 -27.54 -37.28 17.20
CA GLN B 28 -27.29 -35.85 17.49
C GLN B 28 -25.76 -35.64 17.62
N ARG B 29 -25.11 -36.55 18.37
CA ARG B 29 -23.67 -36.61 18.59
C ARG B 29 -22.97 -36.70 17.24
N MET B 30 -23.50 -37.55 16.33
CA MET B 30 -23.01 -37.81 14.99
C MET B 30 -23.08 -36.57 14.09
N MET B 31 -24.14 -35.77 14.27
CA MET B 31 -24.39 -34.54 13.51
C MET B 31 -23.38 -33.49 13.90
N ILE B 32 -23.21 -33.24 15.23
CA ILE B 32 -22.27 -32.25 15.78
C ILE B 32 -20.87 -32.57 15.32
N ARG B 33 -20.45 -33.86 15.46
CA ARG B 33 -19.17 -34.38 15.01
C ARG B 33 -18.92 -34.01 13.55
N GLU B 34 -19.92 -34.17 12.69
CA GLU B 34 -19.85 -33.83 11.27
C GLU B 34 -19.71 -32.32 11.06
N LEU B 35 -20.62 -31.53 11.64
CA LEU B 35 -20.68 -30.07 11.56
C LEU B 35 -19.38 -29.45 12.02
N MET B 36 -18.85 -29.92 13.17
CA MET B 36 -17.57 -29.50 13.75
C MET B 36 -16.38 -29.78 12.79
N ASP B 37 -16.38 -30.95 12.12
CA ASP B 37 -15.35 -31.34 11.16
C ASP B 37 -15.42 -30.42 9.94
N ALA B 38 -16.63 -30.07 9.48
CA ALA B 38 -16.81 -29.17 8.36
C ALA B 38 -16.21 -27.80 8.71
N GLN B 39 -16.49 -27.26 9.93
CA GLN B 39 -15.93 -25.98 10.37
C GLN B 39 -14.42 -26.05 10.26
N MET B 40 -13.80 -26.98 11.00
CA MET B 40 -12.36 -27.21 11.02
C MET B 40 -11.74 -27.29 9.58
N LYS B 41 -12.40 -28.03 8.68
CA LYS B 41 -11.94 -28.21 7.32
C LYS B 41 -12.14 -26.98 6.43
N THR B 42 -13.15 -26.13 6.73
CA THR B 42 -13.48 -25.04 5.80
C THR B 42 -13.43 -23.61 6.38
N PHE B 43 -13.08 -23.43 7.66
CA PHE B 43 -12.96 -22.09 8.23
C PHE B 43 -11.57 -21.80 8.72
N ASP B 44 -10.83 -20.98 7.96
CA ASP B 44 -9.49 -20.56 8.35
C ASP B 44 -9.60 -19.31 9.27
N THR B 45 -9.60 -19.54 10.60
CA THR B 45 -9.65 -18.50 11.65
C THR B 45 -8.43 -17.58 11.60
N THR B 46 -7.41 -17.93 10.82
CA THR B 46 -6.19 -17.14 10.70
C THR B 46 -6.21 -16.24 9.47
N PHE B 47 -7.09 -16.54 8.48
CA PHE B 47 -7.29 -15.81 7.21
C PHE B 47 -5.99 -15.76 6.41
N SER B 48 -5.07 -16.71 6.72
CA SER B 48 -3.76 -16.84 6.11
C SER B 48 -3.80 -17.08 4.59
N HIS B 49 -4.94 -17.55 4.02
CA HIS B 49 -5.04 -17.79 2.58
C HIS B 49 -5.85 -16.73 1.86
N PHE B 50 -6.20 -15.64 2.57
CA PHE B 50 -6.87 -14.50 1.97
C PHE B 50 -5.70 -13.61 1.57
N LYS B 51 -5.45 -13.60 0.27
CA LYS B 51 -4.31 -12.90 -0.35
C LYS B 51 -4.75 -12.21 -1.65
N ASN B 52 -3.87 -11.33 -2.17
CA ASN B 52 -4.04 -10.58 -3.43
C ASN B 52 -5.31 -9.73 -3.47
N PHE B 53 -5.78 -9.35 -2.28
CA PHE B 53 -6.95 -8.50 -2.10
C PHE B 53 -6.61 -7.08 -2.44
N ARG B 54 -7.59 -6.36 -2.96
CA ARG B 54 -7.42 -4.95 -3.27
C ARG B 54 -7.35 -4.15 -1.96
N LEU B 55 -6.71 -2.97 -2.01
CA LEU B 55 -6.62 -2.06 -0.87
C LEU B 55 -6.94 -0.64 -1.31
N PRO B 56 -7.47 0.25 -0.42
CA PRO B 56 -7.73 1.64 -0.84
C PRO B 56 -6.40 2.37 -1.08
N GLY B 57 -6.38 3.30 -2.03
CA GLY B 57 -5.17 4.03 -2.39
C GLY B 57 -4.13 3.20 -3.13
N VAL B 58 -4.46 1.93 -3.45
CA VAL B 58 -3.59 0.97 -4.13
C VAL B 58 -4.18 0.57 -5.51
N LEU B 59 -3.46 0.98 -6.57
CA LEU B 59 -3.83 0.72 -7.96
C LEU B 59 -3.53 -0.73 -8.39
N GLU B 67 -14.16 4.24 -6.39
CA GLU B 67 -14.12 3.66 -7.74
C GLU B 67 -15.16 4.32 -8.70
N SER B 68 -16.39 4.58 -8.22
CA SER B 68 -17.46 5.23 -9.00
C SER B 68 -17.26 6.75 -9.04
N LEU B 69 -17.41 7.37 -10.23
CA LEU B 69 -17.25 8.81 -10.44
C LEU B 69 -18.36 9.61 -9.71
N GLN B 70 -17.97 10.73 -9.03
CA GLN B 70 -18.87 11.63 -8.27
C GLN B 70 -20.02 12.18 -9.12
N ALA B 71 -21.21 12.38 -8.51
CA ALA B 71 -22.40 12.88 -9.20
C ALA B 71 -22.58 14.42 -9.09
N PRO B 72 -22.29 15.21 -10.16
CA PRO B 72 -22.37 16.68 -10.07
C PRO B 72 -23.46 17.37 -10.94
N SER B 73 -24.77 17.42 -10.55
CA SER B 73 -25.46 16.85 -9.40
C SER B 73 -26.94 16.69 -9.85
N ARG B 74 -27.36 15.44 -10.15
CA ARG B 74 -28.71 15.09 -10.65
C ARG B 74 -29.88 15.35 -9.65
N GLU B 75 -31.11 14.92 -10.03
CA GLU B 75 -32.33 15.09 -9.26
C GLU B 75 -32.78 13.81 -8.59
N GLU B 76 -32.77 12.68 -9.35
CA GLU B 76 -33.16 11.36 -8.86
C GLU B 76 -32.05 10.66 -8.01
N ALA B 77 -30.96 11.39 -7.69
CA ALA B 77 -29.84 10.92 -6.85
C ALA B 77 -29.51 11.97 -5.75
N ALA B 78 -29.89 11.85 -4.43
CA ALA B 78 -29.80 10.60 -3.68
C ALA B 78 -30.99 9.70 -4.00
N LYS B 79 -30.72 8.61 -4.72
CA LYS B 79 -30.43 7.34 -4.09
C LYS B 79 -29.21 7.52 -3.20
N TRP B 80 -28.19 8.28 -3.79
CA TRP B 80 -26.89 8.53 -3.14
C TRP B 80 -26.98 8.80 -1.65
N SER B 81 -27.98 9.59 -1.22
CA SER B 81 -28.16 9.90 0.19
C SER B 81 -28.59 8.70 1.04
N GLN B 82 -29.35 7.77 0.44
CA GLN B 82 -29.80 6.54 1.10
C GLN B 82 -28.63 5.57 1.33
N VAL B 83 -27.81 5.33 0.27
CA VAL B 83 -26.60 4.48 0.29
C VAL B 83 -25.63 4.97 1.37
N ARG B 84 -25.42 6.30 1.40
CA ARG B 84 -24.61 7.05 2.37
C ARG B 84 -25.12 6.77 3.79
N LYS B 85 -26.46 6.78 3.99
CA LYS B 85 -27.16 6.52 5.26
C LYS B 85 -27.02 5.08 5.73
N ASP B 86 -26.85 4.12 4.79
CA ASP B 86 -26.65 2.71 5.13
C ASP B 86 -25.17 2.42 5.41
N LEU B 87 -24.27 2.99 4.60
CA LEU B 87 -22.83 2.79 4.70
C LEU B 87 -22.11 3.46 5.87
N CYS B 88 -22.50 4.71 6.25
CA CYS B 88 -21.83 5.47 7.34
C CYS B 88 -21.88 4.77 8.68
N SER B 89 -22.98 4.08 8.97
CA SER B 89 -23.17 3.36 10.22
C SER B 89 -22.20 2.17 10.36
N LEU B 90 -21.70 1.66 9.21
CA LEU B 90 -20.80 0.50 9.13
C LEU B 90 -19.38 0.89 8.73
N LYS B 91 -18.92 2.10 9.13
CA LYS B 91 -17.59 2.62 8.82
C LYS B 91 -16.55 1.97 9.73
N VAL B 92 -15.54 1.33 9.10
CA VAL B 92 -14.43 0.63 9.78
C VAL B 92 -13.07 1.12 9.27
N SER B 93 -12.02 0.89 10.06
CA SER B 93 -10.66 1.25 9.65
C SER B 93 -9.85 -0.04 9.47
N LEU B 94 -9.02 -0.10 8.41
CA LEU B 94 -8.22 -1.28 8.12
C LEU B 94 -6.80 -1.19 8.69
N GLN B 95 -6.38 -2.25 9.43
CA GLN B 95 -5.06 -2.43 10.03
C GLN B 95 -4.47 -3.73 9.48
N LEU B 96 -3.33 -3.58 8.81
CA LEU B 96 -2.60 -4.66 8.17
C LEU B 96 -1.22 -4.88 8.83
N ARG B 97 -1.12 -5.91 9.73
CA ARG B 97 0.15 -6.29 10.36
C ARG B 97 0.98 -7.11 9.38
N GLY B 98 2.25 -6.77 9.26
CA GLY B 98 3.20 -7.43 8.38
C GLY B 98 3.95 -8.50 9.15
N GLU B 99 4.50 -9.49 8.43
CA GLU B 99 5.25 -10.59 9.07
C GLU B 99 6.39 -10.02 9.94
N ASP B 100 7.24 -9.16 9.33
CA ASP B 100 8.39 -8.48 9.95
C ASP B 100 8.10 -7.79 11.29
N GLY B 101 6.84 -7.40 11.50
CA GLY B 101 6.40 -6.71 12.69
C GLY B 101 5.78 -5.35 12.43
N SER B 102 5.90 -4.84 11.17
CA SER B 102 5.35 -3.54 10.78
C SER B 102 3.83 -3.49 10.78
N VAL B 103 3.28 -2.27 10.90
CA VAL B 103 1.83 -2.10 10.97
C VAL B 103 1.37 -0.99 10.03
N TRP B 104 0.73 -1.36 8.89
CA TRP B 104 0.13 -0.39 7.96
C TRP B 104 -1.32 -0.18 8.42
N ASN B 105 -1.73 1.10 8.61
CA ASN B 105 -3.05 1.45 9.12
C ASN B 105 -3.75 2.56 8.35
N TYR B 106 -4.91 2.21 7.78
CA TYR B 106 -5.82 3.05 6.99
C TYR B 106 -6.95 3.67 7.84
N LYS B 107 -7.10 5.00 7.79
CA LYS B 107 -8.18 5.73 8.43
C LYS B 107 -8.99 6.24 7.23
N PRO B 108 -10.27 5.84 7.09
CA PRO B 108 -11.04 6.26 5.90
C PRO B 108 -11.41 7.74 5.90
N PRO B 109 -11.69 8.35 4.73
CA PRO B 109 -12.02 9.78 4.71
C PRO B 109 -13.30 10.12 5.44
N ALA B 110 -13.53 11.41 5.76
CA ALA B 110 -14.79 11.88 6.36
C ALA B 110 -15.75 11.98 5.17
N ASP B 111 -17.07 12.20 5.07
CA ASP B 111 -17.93 11.66 4.01
C ASP B 111 -17.78 12.50 2.76
N SER B 112 -17.89 13.82 2.90
CA SER B 112 -17.75 14.66 1.71
C SER B 112 -18.98 14.47 0.84
N GLY B 113 -19.26 13.20 0.54
CA GLY B 113 -20.18 12.83 -0.51
C GLY B 113 -19.50 12.51 -1.83
N GLY B 114 -20.15 11.69 -2.63
CA GLY B 114 -20.30 10.29 -2.32
C GLY B 114 -18.96 9.60 -2.26
N LYS B 115 -18.08 9.94 -3.20
CA LYS B 115 -17.23 8.96 -3.86
C LYS B 115 -16.37 8.31 -2.80
N GLU B 116 -15.78 9.03 -1.95
CA GLU B 116 -15.07 8.78 -0.70
C GLU B 116 -15.68 7.64 0.13
N ILE B 117 -17.02 7.58 0.15
CA ILE B 117 -17.82 6.64 0.91
C ILE B 117 -17.61 5.17 0.50
N PHE B 118 -17.09 4.91 -0.73
CA PHE B 118 -16.90 3.56 -1.26
C PHE B 118 -15.46 3.03 -1.29
N SER B 119 -14.48 3.84 -0.83
CA SER B 119 -13.03 3.53 -0.81
C SER B 119 -12.64 2.14 -0.34
N LEU B 120 -13.42 1.59 0.63
CA LEU B 120 -13.12 0.29 1.21
C LEU B 120 -13.96 -0.88 0.65
N LEU B 121 -15.00 -0.59 -0.19
CA LEU B 121 -15.88 -1.60 -0.77
C LEU B 121 -15.21 -2.59 -1.75
N PRO B 122 -14.16 -2.21 -2.56
CA PRO B 122 -13.53 -3.21 -3.43
C PRO B 122 -12.73 -4.23 -2.60
N HIS B 123 -12.19 -3.79 -1.46
CA HIS B 123 -11.48 -4.71 -0.57
C HIS B 123 -12.51 -5.69 0.01
N MET B 124 -13.60 -5.13 0.56
CA MET B 124 -14.70 -5.88 1.16
C MET B 124 -15.32 -6.88 0.18
N ALA B 125 -15.33 -6.55 -1.15
CA ALA B 125 -15.80 -7.48 -2.17
C ALA B 125 -14.89 -8.73 -2.13
N ASP B 126 -13.57 -8.53 -2.17
CA ASP B 126 -12.58 -9.61 -2.11
C ASP B 126 -12.69 -10.38 -0.79
N MET B 127 -13.10 -9.69 0.30
CA MET B 127 -13.26 -10.29 1.63
C MET B 127 -14.47 -11.19 1.65
N SER B 128 -15.57 -10.78 1.00
CA SER B 128 -16.79 -11.56 0.96
C SER B 128 -16.57 -12.78 0.09
N THR B 129 -15.80 -12.62 -0.98
CA THR B 129 -15.51 -13.67 -1.95
C THR B 129 -14.69 -14.79 -1.28
N TYR B 130 -13.69 -14.43 -0.46
CA TYR B 130 -12.87 -15.41 0.28
C TYR B 130 -13.79 -16.21 1.21
N MET B 131 -14.66 -15.49 1.97
CA MET B 131 -15.60 -16.01 2.96
C MET B 131 -16.58 -16.96 2.35
N PHE B 132 -17.12 -16.62 1.15
CA PHE B 132 -18.09 -17.40 0.39
C PHE B 132 -17.56 -18.73 -0.07
N LYS B 133 -16.29 -18.79 -0.52
CA LYS B 133 -15.64 -20.03 -0.92
C LYS B 133 -15.74 -21.02 0.27
N GLY B 134 -15.31 -20.58 1.45
CA GLY B 134 -15.31 -21.37 2.66
C GLY B 134 -16.67 -21.85 3.13
N ILE B 135 -17.73 -21.02 2.91
CA ILE B 135 -19.14 -21.29 3.23
C ILE B 135 -19.60 -22.43 2.33
N ILE B 136 -19.48 -22.25 0.98
CA ILE B 136 -19.82 -23.27 -0.03
C ILE B 136 -19.13 -24.59 0.35
N SER B 137 -17.80 -24.55 0.60
CA SER B 137 -16.99 -25.69 1.05
C SER B 137 -17.60 -26.35 2.29
N PHE B 138 -18.07 -25.54 3.27
CA PHE B 138 -18.70 -25.98 4.51
C PHE B 138 -19.88 -26.86 4.19
N ALA B 139 -20.84 -26.30 3.43
CA ALA B 139 -22.07 -26.97 3.00
C ALA B 139 -21.71 -28.30 2.29
N LYS B 140 -20.85 -28.25 1.25
CA LYS B 140 -20.38 -29.41 0.47
C LYS B 140 -19.81 -30.56 1.31
N VAL B 141 -19.23 -30.26 2.47
CA VAL B 141 -18.64 -31.28 3.36
C VAL B 141 -19.74 -32.09 4.04
N ILE B 142 -20.79 -31.41 4.55
CA ILE B 142 -21.95 -32.00 5.24
C ILE B 142 -22.72 -32.98 4.33
N SER B 143 -22.91 -34.23 4.81
CA SER B 143 -23.63 -35.32 4.13
C SER B 143 -25.04 -34.91 3.74
N TYR B 144 -25.85 -34.44 4.73
CA TYR B 144 -27.23 -33.99 4.52
C TYR B 144 -27.36 -32.82 3.54
N PHE B 145 -26.23 -32.35 2.96
CA PHE B 145 -26.24 -31.29 1.95
C PHE B 145 -25.99 -31.85 0.55
N ARG B 146 -25.01 -32.74 0.40
CA ARG B 146 -24.71 -33.39 -0.88
C ARG B 146 -25.92 -34.26 -1.33
N ASP B 147 -26.57 -34.95 -0.35
CA ASP B 147 -27.74 -35.82 -0.52
C ASP B 147 -28.91 -35.08 -1.17
N LEU B 148 -29.07 -33.78 -0.86
CA LEU B 148 -30.11 -32.89 -1.42
C LEU B 148 -29.96 -32.70 -2.93
N PRO B 149 -31.03 -32.33 -3.67
CA PRO B 149 -30.89 -32.12 -5.12
C PRO B 149 -30.25 -30.78 -5.46
N ILE B 150 -29.42 -30.73 -6.53
CA ILE B 150 -28.68 -29.55 -7.02
C ILE B 150 -29.53 -28.26 -6.98
N GLU B 151 -30.73 -28.29 -7.56
CA GLU B 151 -31.66 -27.15 -7.62
C GLU B 151 -31.99 -26.57 -6.23
N ASP B 152 -31.95 -27.42 -5.19
CA ASP B 152 -32.20 -27.04 -3.79
C ASP B 152 -30.91 -26.67 -3.06
N GLN B 153 -29.74 -27.20 -3.53
CA GLN B 153 -28.42 -26.89 -3.00
C GLN B 153 -28.18 -25.44 -3.33
N ILE B 154 -28.38 -25.10 -4.64
CA ILE B 154 -28.25 -23.75 -5.20
C ILE B 154 -29.11 -22.76 -4.41
N SER B 155 -30.35 -23.16 -4.05
CA SER B 155 -31.27 -22.27 -3.37
C SER B 155 -30.86 -21.91 -1.94
N LEU B 156 -30.31 -22.90 -1.18
CA LEU B 156 -29.87 -22.71 0.21
C LEU B 156 -28.60 -21.85 0.32
N LEU B 157 -27.58 -22.13 -0.53
CA LEU B 157 -26.36 -21.34 -0.56
C LEU B 157 -26.60 -19.92 -1.07
N LYS B 158 -27.55 -19.74 -2.01
CA LYS B 158 -27.89 -18.40 -2.52
C LYS B 158 -28.57 -17.57 -1.42
N GLY B 159 -29.25 -18.24 -0.50
CA GLY B 159 -30.01 -17.60 0.56
C GLY B 159 -29.34 -17.49 1.92
N ALA B 160 -28.40 -18.41 2.23
CA ALA B 160 -27.76 -18.43 3.55
C ALA B 160 -26.29 -18.04 3.55
N ALA B 161 -25.64 -17.88 2.37
CA ALA B 161 -24.22 -17.52 2.29
C ALA B 161 -23.89 -16.30 3.16
N PHE B 162 -24.60 -15.16 3.00
CA PHE B 162 -24.41 -13.95 3.82
C PHE B 162 -24.52 -14.24 5.33
N GLU B 163 -25.53 -14.99 5.75
CA GLU B 163 -25.77 -15.30 7.15
C GLU B 163 -24.68 -16.15 7.79
N LEU B 164 -24.20 -17.18 7.07
CA LEU B 164 -23.16 -18.13 7.51
C LEU B 164 -21.84 -17.39 7.76
N CYS B 165 -21.52 -16.51 6.82
CA CYS B 165 -20.36 -15.63 6.78
C CYS B 165 -20.40 -14.63 7.95
N GLN B 166 -21.58 -14.07 8.27
CA GLN B 166 -21.78 -13.15 9.40
C GLN B 166 -21.64 -13.85 10.75
N LEU B 167 -21.95 -15.15 10.77
CA LEU B 167 -21.82 -15.92 12.01
C LEU B 167 -20.38 -16.18 12.24
N ARG B 168 -19.65 -16.49 11.14
CA ARG B 168 -18.21 -16.76 11.16
C ARG B 168 -17.43 -15.52 11.57
N PHE B 169 -17.88 -14.34 11.07
CA PHE B 169 -17.29 -13.04 11.40
C PHE B 169 -17.45 -12.75 12.89
N ASN B 170 -18.60 -13.11 13.47
CA ASN B 170 -18.82 -12.90 14.89
C ASN B 170 -17.82 -13.67 15.76
N THR B 171 -17.33 -14.83 15.27
CA THR B 171 -16.42 -15.68 16.05
C THR B 171 -15.10 -14.97 16.33
N VAL B 172 -14.65 -14.09 15.40
CA VAL B 172 -13.40 -13.31 15.47
C VAL B 172 -13.64 -11.85 15.99
N PHE B 173 -14.90 -11.54 16.36
CA PHE B 173 -15.27 -10.22 16.85
C PHE B 173 -14.82 -10.04 18.30
N ASN B 174 -14.35 -8.85 18.64
CA ASN B 174 -13.91 -8.42 19.98
C ASN B 174 -14.83 -7.26 20.33
N ALA B 175 -15.87 -7.56 21.15
CA ALA B 175 -16.90 -6.60 21.55
C ALA B 175 -16.35 -5.45 22.38
N GLU B 176 -15.23 -5.69 23.09
CA GLU B 176 -14.61 -4.64 23.90
C GLU B 176 -13.98 -3.55 23.03
N THR B 177 -13.21 -3.95 22.00
CA THR B 177 -12.49 -3.06 21.08
C THR B 177 -13.27 -2.69 19.78
N GLY B 178 -14.39 -3.36 19.54
CA GLY B 178 -15.20 -3.19 18.33
C GLY B 178 -14.44 -3.57 17.07
N THR B 179 -13.59 -4.61 17.18
CA THR B 179 -12.72 -5.08 16.10
C THR B 179 -13.03 -6.52 15.67
N TRP B 180 -12.88 -6.76 14.37
CA TRP B 180 -12.95 -8.09 13.79
C TRP B 180 -11.46 -8.43 13.54
N GLU B 181 -10.90 -9.31 14.38
CA GLU B 181 -9.52 -9.75 14.29
C GLU B 181 -9.42 -10.92 13.29
N CYS B 182 -8.97 -10.62 12.06
CA CYS B 182 -8.84 -11.61 11.00
C CYS B 182 -7.37 -11.96 10.67
N GLY B 183 -6.60 -12.36 11.69
CA GLY B 183 -5.20 -12.74 11.54
C GLY B 183 -4.30 -11.56 11.27
N ARG B 184 -3.76 -11.45 10.04
CA ARG B 184 -2.94 -10.29 9.64
C ARG B 184 -3.85 -9.01 9.55
N LEU B 185 -5.10 -9.15 9.01
CA LEU B 185 -6.08 -8.06 8.89
C LEU B 185 -6.90 -7.81 10.16
N SER B 186 -7.32 -6.56 10.37
CA SER B 186 -8.15 -6.12 11.49
C SER B 186 -9.06 -4.97 11.04
N TYR B 187 -10.35 -5.11 11.29
CA TYR B 187 -11.34 -4.11 10.88
C TYR B 187 -12.03 -3.64 12.14
N CYS B 188 -11.77 -2.39 12.51
CA CYS B 188 -12.25 -1.78 13.74
C CYS B 188 -13.23 -0.66 13.39
N LEU B 189 -14.46 -0.69 13.99
CA LEU B 189 -15.49 0.33 13.75
C LEU B 189 -15.06 1.73 14.20
N GLU B 190 -15.37 2.75 13.39
CA GLU B 190 -15.06 4.15 13.66
C GLU B 190 -16.01 4.73 14.71
N ASP B 191 -15.57 5.79 15.43
CA ASP B 191 -16.37 6.47 16.47
C ASP B 191 -17.63 7.13 15.88
N THR B 192 -18.80 6.79 16.45
CA THR B 192 -20.11 7.27 15.99
C THR B 192 -20.32 8.74 16.34
N ALA B 193 -20.18 9.09 17.65
CA ALA B 193 -20.34 10.43 18.26
C ALA B 193 -21.72 11.21 17.99
N GLY B 194 -22.91 10.58 17.93
CA GLY B 194 -23.25 9.16 17.96
C GLY B 194 -23.22 8.45 19.29
N GLY B 195 -22.10 7.79 19.54
CA GLY B 195 -21.89 6.97 20.74
C GLY B 195 -22.48 5.60 20.51
N PHE B 196 -22.56 4.79 21.59
CA PHE B 196 -23.17 3.46 21.52
C PHE B 196 -24.67 3.51 21.23
N GLN B 197 -25.32 4.66 21.53
CA GLN B 197 -26.75 4.90 21.28
C GLN B 197 -26.99 4.78 19.78
N GLN B 198 -26.13 5.45 18.96
CA GLN B 198 -26.23 5.40 17.50
C GLN B 198 -25.72 4.08 16.97
N LEU B 199 -24.65 3.53 17.57
CA LEU B 199 -24.04 2.27 17.13
C LEU B 199 -25.05 1.13 17.04
N LEU B 200 -25.67 0.75 18.17
CA LEU B 200 -26.67 -0.35 18.23
C LEU B 200 -28.03 -0.07 17.51
N LEU B 201 -28.22 1.15 16.98
CA LEU B 201 -29.42 1.53 16.23
C LEU B 201 -29.40 0.91 14.83
N GLU B 202 -28.18 0.49 14.37
CA GLU B 202 -27.88 -0.23 13.13
C GLU B 202 -28.00 -1.73 13.46
N PRO B 203 -29.01 -2.44 12.87
CA PRO B 203 -29.24 -3.86 13.20
C PRO B 203 -28.02 -4.80 13.18
N MET B 204 -27.16 -4.61 12.17
CA MET B 204 -25.98 -5.42 11.93
C MET B 204 -25.01 -5.43 13.10
N LEU B 205 -24.78 -4.26 13.72
CA LEU B 205 -23.86 -4.11 14.85
C LEU B 205 -24.48 -4.58 16.18
N LYS B 206 -25.80 -4.31 16.38
CA LYS B 206 -26.55 -4.78 17.55
C LYS B 206 -26.47 -6.30 17.60
N PHE B 207 -26.50 -6.93 16.41
CA PHE B 207 -26.39 -8.37 16.24
C PHE B 207 -25.05 -8.90 16.78
N HIS B 208 -23.92 -8.40 16.24
CA HIS B 208 -22.59 -8.85 16.67
C HIS B 208 -22.34 -8.66 18.17
N TYR B 209 -22.75 -7.50 18.68
CA TYR B 209 -22.63 -7.14 20.08
C TYR B 209 -23.51 -8.03 20.98
N MET B 210 -24.80 -8.29 20.59
CA MET B 210 -25.72 -9.14 21.36
C MET B 210 -25.36 -10.60 21.28
N LEU B 211 -24.92 -11.09 20.08
CA LEU B 211 -24.47 -12.47 19.83
C LEU B 211 -23.20 -12.79 20.58
N LYS B 212 -22.30 -11.77 20.71
CA LYS B 212 -21.04 -11.93 21.42
C LYS B 212 -21.32 -12.14 22.89
N LYS B 213 -22.22 -11.30 23.48
CA LYS B 213 -22.66 -11.34 24.89
C LYS B 213 -23.04 -12.74 25.34
N LEU B 214 -23.76 -13.50 24.47
CA LEU B 214 -24.20 -14.89 24.67
C LEU B 214 -23.05 -15.86 25.01
N GLN B 215 -21.83 -15.57 24.49
CA GLN B 215 -20.59 -16.34 24.69
C GLN B 215 -20.77 -17.83 24.37
N LEU B 216 -21.13 -18.08 23.10
CA LEU B 216 -21.44 -19.41 22.61
C LEU B 216 -20.24 -20.29 22.41
N HIS B 217 -20.47 -21.60 22.46
CA HIS B 217 -19.47 -22.64 22.26
C HIS B 217 -19.22 -22.79 20.78
N GLU B 218 -18.14 -23.49 20.40
CA GLU B 218 -17.85 -23.73 18.99
C GLU B 218 -19.01 -24.57 18.37
N GLU B 219 -19.54 -25.53 19.18
CA GLU B 219 -20.64 -26.43 18.85
C GLU B 219 -21.92 -25.67 18.56
N GLU B 220 -22.22 -24.62 19.34
CA GLU B 220 -23.39 -23.76 19.17
C GLU B 220 -23.35 -22.91 17.89
N TYR B 221 -22.18 -22.29 17.58
CA TYR B 221 -21.97 -21.45 16.38
C TYR B 221 -22.17 -22.27 15.11
N VAL B 222 -21.64 -23.51 15.11
CA VAL B 222 -21.73 -24.39 13.95
C VAL B 222 -23.17 -24.95 13.79
N LEU B 223 -23.87 -25.29 14.91
CA LEU B 223 -25.28 -25.75 14.86
C LEU B 223 -26.11 -24.60 14.33
N MET B 224 -25.85 -23.38 14.87
CA MET B 224 -26.46 -22.13 14.43
C MET B 224 -26.27 -21.98 12.90
N GLN B 225 -25.04 -22.32 12.40
CA GLN B 225 -24.69 -22.27 10.98
C GLN B 225 -25.51 -23.26 10.15
N ALA B 226 -25.78 -24.47 10.72
CA ALA B 226 -26.54 -25.55 10.09
C ALA B 226 -28.01 -25.15 9.92
N ILE B 227 -28.63 -24.66 11.04
CA ILE B 227 -30.02 -24.17 11.10
C ILE B 227 -30.22 -23.02 10.10
N SER B 228 -29.23 -22.12 9.97
CA SER B 228 -29.31 -21.05 8.99
C SER B 228 -29.21 -21.59 7.55
N LEU B 229 -28.32 -22.60 7.32
CA LEU B 229 -28.13 -23.19 6.00
C LEU B 229 -29.40 -23.88 5.53
N PHE B 230 -29.86 -24.87 6.32
CA PHE B 230 -31.07 -25.63 6.01
C PHE B 230 -32.30 -24.88 6.49
N SER B 231 -32.71 -23.86 5.73
CA SER B 231 -33.89 -23.04 6.02
C SER B 231 -34.89 -23.25 4.86
N PRO B 232 -36.09 -23.85 5.09
CA PRO B 232 -36.99 -24.14 3.96
C PRO B 232 -37.66 -22.91 3.32
N ASP B 233 -37.90 -21.87 4.14
CA ASP B 233 -38.53 -20.58 3.79
C ASP B 233 -37.89 -19.86 2.61
N ARG B 234 -36.59 -20.14 2.35
CA ARG B 234 -35.79 -19.51 1.29
C ARG B 234 -36.40 -19.59 -0.12
N PRO B 235 -36.47 -18.46 -0.87
CA PRO B 235 -37.02 -18.52 -2.24
C PRO B 235 -36.19 -19.44 -3.15
N GLY B 236 -36.89 -20.27 -3.92
CA GLY B 236 -36.28 -21.23 -4.84
C GLY B 236 -36.34 -22.69 -4.40
N VAL B 237 -36.61 -22.93 -3.10
CA VAL B 237 -36.69 -24.25 -2.48
C VAL B 237 -37.92 -24.98 -3.03
N LEU B 238 -37.69 -26.13 -3.71
CA LEU B 238 -38.73 -26.98 -4.26
C LEU B 238 -39.09 -28.08 -3.22
N GLN B 239 -38.08 -28.88 -2.78
CA GLN B 239 -38.27 -29.95 -1.78
C GLN B 239 -38.32 -29.42 -0.34
N HIS B 240 -39.40 -28.65 -0.04
CA HIS B 240 -39.70 -27.99 1.25
C HIS B 240 -39.68 -28.90 2.47
N ARG B 241 -40.34 -30.07 2.40
CA ARG B 241 -40.42 -31.00 3.54
C ARG B 241 -39.08 -31.62 3.89
N VAL B 242 -38.32 -32.04 2.86
CA VAL B 242 -37.02 -32.68 2.97
C VAL B 242 -36.02 -31.78 3.73
N VAL B 243 -36.13 -30.44 3.56
CA VAL B 243 -35.27 -29.44 4.20
C VAL B 243 -35.78 -29.09 5.61
N ASP B 244 -37.09 -28.77 5.77
CA ASP B 244 -37.71 -28.43 7.05
C ASP B 244 -37.48 -29.49 8.13
N GLN B 245 -37.44 -30.79 7.72
CA GLN B 245 -37.20 -31.88 8.66
C GLN B 245 -35.75 -31.82 9.21
N LEU B 246 -34.78 -31.41 8.34
CA LEU B 246 -33.37 -31.25 8.70
C LEU B 246 -33.15 -30.08 9.63
N GLN B 247 -33.76 -28.90 9.32
CA GLN B 247 -33.68 -27.74 10.20
C GLN B 247 -34.09 -28.16 11.64
N GLU B 248 -35.29 -28.78 11.77
CA GLU B 248 -35.87 -29.27 13.03
C GLU B 248 -34.92 -30.18 13.80
N GLN B 249 -34.22 -31.09 13.07
CA GLN B 249 -33.22 -32.03 13.60
C GLN B 249 -32.11 -31.27 14.34
N PHE B 250 -31.40 -30.37 13.60
CA PHE B 250 -30.33 -29.53 14.12
C PHE B 250 -30.84 -28.64 15.25
N ALA B 251 -32.07 -28.10 15.13
CA ALA B 251 -32.69 -27.27 16.18
C ALA B 251 -32.82 -28.07 17.49
N ILE B 252 -33.31 -29.34 17.39
CA ILE B 252 -33.42 -30.22 18.55
C ILE B 252 -32.00 -30.53 19.07
N THR B 253 -31.05 -30.84 18.13
CA THR B 253 -29.63 -31.12 18.44
C THR B 253 -28.99 -29.96 19.21
N LEU B 254 -29.36 -28.71 18.85
CA LEU B 254 -28.89 -27.50 19.52
C LEU B 254 -29.49 -27.41 20.92
N LYS B 255 -30.85 -27.43 21.02
CA LYS B 255 -31.60 -27.36 22.27
C LYS B 255 -31.13 -28.42 23.27
N SER B 256 -30.83 -29.63 22.77
CA SER B 256 -30.37 -30.77 23.58
C SER B 256 -28.98 -30.52 24.13
N TYR B 257 -28.05 -30.06 23.26
CA TYR B 257 -26.66 -29.73 23.62
C TYR B 257 -26.62 -28.79 24.82
N ILE B 258 -27.43 -27.72 24.81
CA ILE B 258 -27.52 -26.74 25.89
C ILE B 258 -28.00 -27.41 27.20
N GLU B 259 -28.99 -28.32 27.08
CA GLU B 259 -29.56 -29.09 28.20
C GLU B 259 -28.57 -30.14 28.77
N CYS B 260 -27.48 -30.46 28.05
CA CYS B 260 -26.47 -31.44 28.48
C CYS B 260 -25.16 -30.83 28.95
N ASN B 261 -24.63 -29.85 28.19
CA ASN B 261 -23.33 -29.24 28.45
C ASN B 261 -23.34 -27.86 29.12
N ARG B 262 -24.53 -27.32 29.48
CA ARG B 262 -24.60 -26.03 30.16
C ARG B 262 -25.49 -26.12 31.42
N PRO B 263 -25.09 -25.54 32.59
CA PRO B 263 -25.94 -25.61 33.80
C PRO B 263 -27.33 -25.00 33.56
N GLN B 264 -28.30 -25.90 33.33
CA GLN B 264 -29.70 -25.65 32.97
C GLN B 264 -30.43 -24.51 33.72
N PRO B 265 -30.33 -24.30 35.07
CA PRO B 265 -31.07 -23.17 35.68
C PRO B 265 -30.86 -21.79 35.00
N ALA B 266 -29.60 -21.33 34.88
CA ALA B 266 -29.25 -20.05 34.27
C ALA B 266 -29.33 -20.09 32.74
N HIS B 267 -28.98 -21.23 32.14
CA HIS B 267 -28.97 -21.40 30.68
C HIS B 267 -30.22 -22.10 30.13
N ARG B 268 -31.39 -21.84 30.74
CA ARG B 268 -32.67 -22.41 30.32
C ARG B 268 -33.19 -21.68 29.08
N PHE B 269 -33.14 -20.33 29.12
CA PHE B 269 -33.65 -19.44 28.08
C PHE B 269 -32.68 -19.22 26.88
N LEU B 270 -31.49 -19.86 26.87
CA LEU B 270 -30.49 -19.71 25.80
C LEU B 270 -30.96 -20.18 24.43
N PHE B 271 -31.55 -21.40 24.31
CA PHE B 271 -32.00 -21.91 23.01
C PHE B 271 -32.94 -20.96 22.28
N LEU B 272 -33.94 -20.41 22.99
CA LEU B 272 -34.89 -19.48 22.38
C LEU B 272 -34.21 -18.18 21.96
N LYS B 273 -33.22 -17.69 22.76
CA LYS B 273 -32.41 -16.50 22.47
C LYS B 273 -31.66 -16.67 21.14
N ILE B 274 -30.94 -17.82 20.98
CA ILE B 274 -30.18 -18.19 19.76
C ILE B 274 -31.13 -18.25 18.55
N MET B 275 -32.33 -18.85 18.75
CA MET B 275 -33.32 -18.99 17.70
C MET B 275 -33.84 -17.65 17.21
N ALA B 276 -33.96 -16.69 18.15
CA ALA B 276 -34.44 -15.33 17.88
C ALA B 276 -33.39 -14.56 17.08
N MET B 277 -32.09 -14.80 17.40
CA MET B 277 -30.93 -14.20 16.76
C MET B 277 -30.90 -14.56 15.28
N LEU B 278 -31.25 -15.83 14.95
CA LEU B 278 -31.31 -16.35 13.57
C LEU B 278 -32.49 -15.73 12.78
N THR B 279 -33.58 -15.36 13.49
CA THR B 279 -34.76 -14.67 12.91
C THR B 279 -34.29 -13.27 12.52
N GLU B 280 -33.51 -12.61 13.43
CA GLU B 280 -32.95 -11.30 13.15
C GLU B 280 -31.91 -11.40 12.05
N LEU B 281 -31.11 -12.49 12.04
CA LEU B 281 -30.12 -12.68 10.99
C LEU B 281 -30.76 -12.81 9.60
N ARG B 282 -31.96 -13.46 9.52
CA ARG B 282 -32.73 -13.64 8.29
C ARG B 282 -33.21 -12.27 7.80
N SER B 283 -33.65 -11.39 8.75
CA SER B 283 -34.12 -10.04 8.42
C SER B 283 -32.98 -9.09 8.11
N ILE B 284 -31.78 -9.31 8.70
CA ILE B 284 -30.60 -8.50 8.40
C ILE B 284 -30.26 -8.83 6.94
N ASN B 285 -30.29 -10.13 6.58
CA ASN B 285 -30.03 -10.63 5.23
C ASN B 285 -30.90 -9.92 4.18
N ALA B 286 -32.19 -9.70 4.51
CA ALA B 286 -33.18 -9.02 3.67
C ALA B 286 -32.76 -7.57 3.47
N GLN B 287 -32.48 -6.87 4.58
CA GLN B 287 -32.04 -5.49 4.67
C GLN B 287 -30.75 -5.35 3.86
N HIS B 288 -29.85 -6.34 3.97
CA HIS B 288 -28.56 -6.37 3.27
C HIS B 288 -28.73 -6.53 1.77
N THR B 289 -29.57 -7.50 1.32
CA THR B 289 -29.80 -7.73 -0.12
C THR B 289 -30.29 -6.44 -0.76
N GLN B 290 -31.14 -5.71 -0.01
CA GLN B 290 -31.72 -4.45 -0.44
C GLN B 290 -30.67 -3.34 -0.52
N ARG B 291 -29.83 -3.21 0.52
CA ARG B 291 -28.73 -2.24 0.57
C ARG B 291 -27.73 -2.49 -0.58
N LEU B 292 -27.45 -3.77 -0.89
CA LEU B 292 -26.51 -4.17 -1.93
C LEU B 292 -26.99 -3.79 -3.33
N LEU B 293 -28.32 -3.93 -3.59
CA LEU B 293 -28.94 -3.59 -4.87
C LEU B 293 -28.87 -2.08 -5.13
N ARG B 294 -29.01 -1.26 -4.06
CA ARG B 294 -28.89 0.20 -4.15
C ARG B 294 -27.45 0.61 -4.42
N ILE B 295 -26.48 -0.13 -3.81
CA ILE B 295 -25.03 0.09 -3.98
C ILE B 295 -24.65 -0.26 -5.42
N GLN B 296 -25.12 -1.42 -5.88
CA GLN B 296 -24.88 -1.94 -7.23
C GLN B 296 -25.51 -1.03 -8.30
N ASP B 297 -26.56 -0.29 -7.92
CA ASP B 297 -27.24 0.65 -8.82
C ASP B 297 -26.36 1.83 -9.13
N ILE B 298 -25.49 2.22 -8.17
CA ILE B 298 -24.53 3.33 -8.33
C ILE B 298 -23.28 2.84 -9.08
N HIS B 299 -22.65 1.74 -8.62
CA HIS B 299 -21.45 1.18 -9.25
C HIS B 299 -21.39 -0.32 -9.05
N PRO B 300 -20.99 -1.13 -10.07
CA PRO B 300 -20.93 -2.59 -9.86
C PRO B 300 -19.67 -3.01 -9.10
N PHE B 301 -19.82 -3.16 -7.78
CA PHE B 301 -18.71 -3.51 -6.90
C PHE B 301 -18.56 -5.01 -6.71
N ALA B 302 -19.69 -5.74 -6.76
CA ALA B 302 -19.75 -7.19 -6.57
C ALA B 302 -18.97 -7.95 -7.61
N THR B 303 -18.24 -8.93 -7.12
CA THR B 303 -17.41 -9.89 -7.85
C THR B 303 -18.34 -10.94 -8.54
N PRO B 304 -17.88 -11.69 -9.57
CA PRO B 304 -18.78 -12.70 -10.20
C PRO B 304 -19.43 -13.70 -9.24
N LEU B 305 -18.66 -14.17 -8.20
CA LEU B 305 -19.17 -15.09 -7.19
C LEU B 305 -20.26 -14.43 -6.33
N MET B 306 -20.13 -13.12 -6.05
CA MET B 306 -21.10 -12.39 -5.25
C MET B 306 -22.37 -12.26 -6.02
N GLN B 307 -22.25 -12.00 -7.34
CA GLN B 307 -23.36 -11.88 -8.29
C GLN B 307 -24.18 -13.16 -8.33
N GLU B 308 -23.55 -14.31 -8.61
CA GLU B 308 -24.26 -15.58 -8.64
C GLU B 308 -24.90 -15.95 -7.30
N LEU B 309 -24.23 -15.61 -6.20
CA LEU B 309 -24.76 -15.93 -4.87
C LEU B 309 -25.83 -14.94 -4.47
N PHE B 310 -26.13 -13.99 -5.34
CA PHE B 310 -26.84 -12.78 -4.95
C PHE B 310 -27.89 -12.40 -5.98
N GLY B 311 -27.88 -13.10 -7.11
CA GLY B 311 -28.95 -12.99 -8.10
C GLY B 311 -28.56 -12.13 -9.28
N ILE B 312 -27.45 -12.49 -9.92
CA ILE B 312 -26.98 -11.77 -11.12
C ILE B 312 -26.14 -12.66 -12.05
N ALA C 15 26.12 14.09 -29.82
CA ALA C 15 25.15 13.82 -30.87
C ALA C 15 24.48 12.42 -30.79
N ASP C 16 25.19 11.37 -30.28
CA ASP C 16 24.66 10.00 -30.22
C ASP C 16 24.96 9.21 -28.91
N LEU C 17 24.04 8.32 -28.51
CA LEU C 17 24.22 7.44 -27.34
C LEU C 17 24.61 6.02 -27.82
N GLU C 18 25.71 5.46 -27.24
CA GLU C 18 26.25 4.16 -27.62
C GLU C 18 26.44 3.18 -26.47
N VAL C 19 26.50 1.87 -26.78
CA VAL C 19 26.76 0.80 -25.80
C VAL C 19 28.26 0.47 -25.86
N VAL C 20 29.02 0.94 -24.85
CA VAL C 20 30.47 0.75 -24.72
C VAL C 20 30.85 -0.74 -24.64
N ALA C 21 30.22 -1.48 -23.72
CA ALA C 21 30.44 -2.90 -23.52
C ALA C 21 29.19 -3.52 -22.92
N ALA C 22 28.91 -4.80 -23.24
CA ALA C 22 27.72 -5.49 -22.75
C ALA C 22 27.84 -7.00 -22.64
N THR C 23 27.26 -7.54 -21.56
CA THR C 23 27.11 -8.96 -21.28
C THR C 23 25.62 -9.23 -21.57
N PRO C 24 25.08 -10.48 -21.51
CA PRO C 24 23.63 -10.63 -21.78
C PRO C 24 22.75 -10.15 -20.60
N THR C 25 23.38 -9.74 -19.47
CA THR C 25 22.71 -9.27 -18.24
C THR C 25 22.96 -7.80 -17.89
N SER C 26 24.12 -7.25 -18.29
CA SER C 26 24.49 -5.88 -17.97
C SER C 26 24.95 -5.09 -19.18
N LEU C 27 24.90 -3.75 -19.07
CA LEU C 27 25.27 -2.81 -20.14
C LEU C 27 26.04 -1.58 -19.62
N LEU C 28 26.94 -1.05 -20.46
CA LEU C 28 27.67 0.17 -20.19
C LEU C 28 27.36 1.16 -21.30
N ILE C 29 26.77 2.30 -20.93
CA ILE C 29 26.34 3.31 -21.89
C ILE C 29 27.15 4.59 -21.81
N SER C 30 27.37 5.21 -22.97
CA SER C 30 28.11 6.45 -23.07
C SER C 30 27.39 7.46 -23.94
N TRP C 31 27.34 8.71 -23.48
CA TRP C 31 26.77 9.81 -24.23
C TRP C 31 27.72 11.02 -24.21
N PRO C 32 27.87 11.67 -25.36
CA PRO C 32 28.76 12.84 -25.47
C PRO C 32 28.09 14.11 -24.94
N PRO C 33 28.90 14.99 -24.24
CA PRO C 33 28.16 15.85 -23.32
C PRO C 33 27.91 17.23 -23.92
N PRO C 34 26.66 17.49 -24.29
CA PRO C 34 26.29 18.74 -24.97
C PRO C 34 27.29 19.86 -24.67
N TYR C 35 27.51 20.73 -25.64
CA TYR C 35 26.48 21.58 -26.17
C TYR C 35 25.78 22.36 -25.06
N TYR C 36 25.09 21.64 -24.20
CA TYR C 36 24.78 22.14 -22.88
C TYR C 36 25.37 21.19 -21.84
N VAL C 37 25.96 21.75 -20.80
CA VAL C 37 25.29 22.65 -19.89
C VAL C 37 26.13 23.90 -19.69
N GLU C 38 25.49 25.04 -19.46
CA GLU C 38 24.87 25.33 -18.16
C GLU C 38 23.73 24.37 -17.85
N GLY C 39 22.96 24.03 -18.88
CA GLY C 39 21.51 24.00 -18.76
C GLY C 39 21.04 22.99 -17.74
N VAL C 40 21.68 21.82 -17.69
CA VAL C 40 21.00 20.61 -17.27
C VAL C 40 21.34 20.04 -15.90
N THR C 41 20.34 19.97 -15.02
CA THR C 41 20.51 19.47 -13.66
C THR C 41 20.94 18.01 -13.61
N VAL C 42 20.23 17.17 -14.35
CA VAL C 42 20.37 15.71 -14.25
C VAL C 42 19.97 15.09 -15.57
N PHE C 43 20.31 13.82 -15.76
CA PHE C 43 19.95 13.05 -16.95
C PHE C 43 19.06 11.89 -16.57
N ARG C 44 17.81 11.90 -17.06
CA ARG C 44 16.88 10.80 -16.79
C ARG C 44 17.16 9.70 -17.81
N ILE C 45 17.63 8.53 -17.35
CA ILE C 45 17.98 7.41 -18.22
C ILE C 45 16.96 6.34 -18.07
N THR C 46 16.38 5.90 -19.21
CA THR C 46 15.32 4.89 -19.24
C THR C 46 15.66 3.63 -20.03
N TYR C 47 15.02 2.50 -19.65
CA TYR C 47 15.18 1.20 -20.28
C TYR C 47 14.01 0.26 -19.99
N GLY C 48 13.66 -0.54 -20.98
CA GLY C 48 12.59 -1.53 -20.91
C GLY C 48 12.42 -2.24 -22.23
N GLU C 49 11.97 -3.49 -22.19
CA GLU C 49 11.97 -4.32 -23.39
C GLU C 49 11.05 -3.70 -24.41
N THR C 50 11.52 -3.59 -25.65
CA THR C 50 11.09 -2.50 -26.51
C THR C 50 9.60 -2.61 -26.77
N GLY C 51 9.15 -3.84 -26.98
CA GLY C 51 7.72 -4.13 -27.03
C GLY C 51 7.04 -3.98 -25.70
N GLY C 52 5.80 -3.52 -25.72
CA GLY C 52 5.35 -2.50 -24.79
C GLY C 52 5.44 -2.99 -23.37
N ASN C 53 5.11 -4.26 -23.15
CA ASN C 53 4.23 -4.65 -22.07
C ASN C 53 4.84 -4.31 -20.71
N SER C 54 6.15 -4.52 -20.60
CA SER C 54 6.84 -4.33 -19.33
C SER C 54 6.77 -2.87 -18.89
N PRO C 55 6.61 -2.65 -17.59
CA PRO C 55 6.63 -1.27 -17.04
C PRO C 55 8.02 -0.64 -17.07
N VAL C 56 8.16 0.45 -17.86
CA VAL C 56 9.39 1.21 -18.12
C VAL C 56 10.15 1.57 -16.84
N GLN C 57 11.47 1.32 -16.84
CA GLN C 57 12.38 1.62 -15.73
C GLN C 57 13.15 2.92 -16.00
N GLU C 58 13.44 3.68 -14.93
CA GLU C 58 14.17 4.96 -15.01
C GLU C 58 15.01 5.25 -13.77
N PHE C 59 16.07 6.06 -13.95
CA PHE C 59 16.99 6.54 -12.91
C PHE C 59 17.66 7.83 -13.38
N THR C 60 18.12 8.67 -12.45
CA THR C 60 18.80 9.90 -12.85
C THR C 60 20.24 9.89 -12.43
N VAL C 61 21.07 10.68 -13.14
CA VAL C 61 22.50 10.85 -12.90
C VAL C 61 22.82 12.35 -13.03
N PRO C 62 23.84 12.91 -12.31
CA PRO C 62 24.13 14.36 -12.44
C PRO C 62 24.57 14.80 -13.83
N TYR C 63 24.39 16.08 -14.15
CA TYR C 63 24.72 16.68 -15.45
C TYR C 63 26.15 16.39 -15.92
N TRP C 64 27.09 16.28 -14.98
CA TRP C 64 28.50 16.03 -15.25
C TRP C 64 28.85 14.56 -15.62
N THR C 65 27.86 13.66 -15.70
CA THR C 65 28.19 12.27 -16.00
C THR C 65 28.05 11.97 -17.48
N GLU C 66 29.01 11.21 -18.02
CA GLU C 66 29.03 10.80 -19.43
C GLU C 66 28.79 9.28 -19.57
N THR C 67 28.88 8.56 -18.43
CA THR C 67 28.69 7.11 -18.40
C THR C 67 27.74 6.68 -17.23
N ALA C 68 26.92 5.64 -17.52
CA ALA C 68 25.95 5.05 -16.63
C ALA C 68 25.89 3.54 -16.87
N THR C 69 25.37 2.82 -15.87
CA THR C 69 25.21 1.37 -15.89
C THR C 69 23.72 1.00 -15.83
N ILE C 70 23.32 0.00 -16.64
CA ILE C 70 21.98 -0.57 -16.70
C ILE C 70 22.17 -2.05 -16.39
N SER C 71 21.58 -2.53 -15.28
CA SER C 71 21.75 -3.92 -14.84
C SER C 71 20.45 -4.72 -14.78
N GLY C 72 20.58 -6.02 -14.50
CA GLY C 72 19.47 -6.96 -14.37
C GLY C 72 18.74 -7.34 -15.64
N LEU C 73 19.34 -7.07 -16.81
CA LEU C 73 18.73 -7.38 -18.11
C LEU C 73 18.60 -8.89 -18.35
N LYS C 74 17.67 -9.26 -19.26
CA LYS C 74 17.38 -10.64 -19.66
C LYS C 74 18.22 -11.03 -20.89
N PRO C 75 18.79 -12.28 -20.94
CA PRO C 75 19.66 -12.68 -22.08
C PRO C 75 18.97 -12.80 -23.45
N GLY C 76 19.64 -12.22 -24.44
CA GLY C 76 19.21 -12.08 -25.83
C GLY C 76 17.87 -11.35 -25.94
N VAL C 77 17.70 -10.05 -25.44
CA VAL C 77 16.26 -9.59 -25.48
C VAL C 77 16.08 -8.12 -25.97
N ASP C 78 15.48 -7.88 -27.16
CA ASP C 78 15.37 -6.50 -27.63
C ASP C 78 14.76 -5.50 -26.60
N TYR C 79 15.63 -4.56 -26.14
CA TYR C 79 15.37 -3.48 -25.17
C TYR C 79 15.50 -2.11 -25.84
N THR C 80 14.93 -1.05 -25.22
CA THR C 80 15.02 0.33 -25.70
C THR C 80 15.58 1.22 -24.59
N ILE C 81 16.60 2.05 -24.93
CA ILE C 81 17.25 2.98 -24.01
C ILE C 81 17.06 4.42 -24.49
N THR C 82 16.74 5.33 -23.55
CA THR C 82 16.51 6.75 -23.81
C THR C 82 17.10 7.63 -22.72
N VAL C 83 17.68 8.78 -23.13
CA VAL C 83 18.26 9.75 -22.21
C VAL C 83 17.54 11.08 -22.38
N TYR C 84 17.01 11.61 -21.28
CA TYR C 84 16.30 12.88 -21.25
C TYR C 84 17.13 13.87 -20.45
N ALA C 85 17.41 15.03 -21.04
CA ALA C 85 18.15 16.08 -20.35
C ALA C 85 17.14 16.98 -19.64
N GLU C 86 17.35 17.28 -18.34
CA GLU C 86 16.45 18.11 -17.54
C GLU C 86 17.10 19.43 -17.19
N MET C 87 16.54 20.55 -17.66
CA MET C 87 17.10 21.89 -17.43
C MET C 87 16.74 22.52 -16.11
N TYR C 88 17.80 23.22 -15.71
CA TYR C 88 17.50 23.99 -14.50
C TYR C 88 16.55 25.14 -14.79
N PRO C 89 15.71 25.68 -13.97
CA PRO C 89 14.62 26.56 -14.41
C PRO C 89 15.13 27.87 -15.02
N GLY C 90 15.05 27.99 -16.34
CA GLY C 90 15.71 29.06 -17.05
C GLY C 90 16.83 28.56 -17.94
N SER C 91 17.34 29.43 -18.82
CA SER C 91 17.44 29.12 -20.24
C SER C 91 17.84 27.67 -20.49
N PRO C 92 17.13 27.01 -21.48
CA PRO C 92 17.90 25.91 -22.12
C PRO C 92 19.26 26.38 -22.60
N TRP C 93 20.11 25.43 -23.00
CA TRP C 93 21.31 25.72 -23.77
C TRP C 93 22.22 26.70 -23.04
N MET C 98 14.44 25.70 -24.30
CA MET C 98 13.50 25.98 -25.38
C MET C 98 13.82 25.14 -26.61
N ASP C 99 14.98 24.50 -26.60
CA ASP C 99 15.20 23.29 -27.39
C ASP C 99 15.42 22.08 -26.49
N ILE C 100 14.82 20.96 -26.86
CA ILE C 100 15.39 19.65 -26.58
C ILE C 100 15.11 18.64 -27.69
N GLN C 101 15.89 17.57 -27.75
CA GLN C 101 15.34 16.26 -28.06
C GLN C 101 15.89 15.11 -27.20
N PRO C 102 15.16 13.95 -26.90
CA PRO C 102 15.71 12.73 -26.27
C PRO C 102 16.40 11.81 -27.26
N ILE C 103 17.71 11.37 -26.91
CA ILE C 103 18.53 10.46 -27.73
C ILE C 103 18.14 9.00 -27.42
N SER C 104 18.06 8.14 -28.46
CA SER C 104 17.64 6.74 -28.31
C SER C 104 18.48 5.71 -29.07
N ILE C 105 18.49 4.46 -28.55
CA ILE C 105 19.19 3.29 -29.13
C ILE C 105 18.48 1.98 -28.73
N ASN C 106 18.67 0.90 -29.54
CA ASN C 106 18.09 -0.44 -29.30
C ASN C 106 19.15 -1.56 -29.35
N TYR C 107 19.14 -2.46 -28.33
CA TYR C 107 20.10 -3.56 -28.13
C TYR C 107 19.39 -4.86 -27.71
N ARG C 108 20.04 -5.98 -28.09
CA ARG C 108 19.52 -7.27 -27.70
C ARG C 108 20.65 -8.12 -27.27
N THR C 109 20.57 -8.37 -26.01
CA THR C 109 21.59 -8.98 -25.25
C THR C 109 21.84 -10.45 -25.55
N ALA D 15 -18.17 -28.49 -26.94
CA ALA D 15 -18.29 -29.05 -25.60
C ALA D 15 -16.92 -29.38 -24.96
N ASP D 16 -16.09 -28.35 -24.67
N ASP D 16 -16.09 -28.35 -24.67
CA ASP D 16 -14.80 -28.58 -24.04
CA ASP D 16 -14.80 -28.58 -24.04
C ASP D 16 -14.75 -28.05 -22.58
C ASP D 16 -14.75 -28.05 -22.58
N LEU D 17 -14.71 -26.72 -22.21
CA LEU D 17 -14.54 -25.34 -22.77
C LEU D 17 -14.72 -24.91 -24.28
N GLU D 18 -15.60 -23.90 -24.46
CA GLU D 18 -15.85 -23.22 -25.75
C GLU D 18 -16.28 -21.76 -25.58
N VAL D 19 -16.08 -20.94 -26.65
CA VAL D 19 -16.50 -19.54 -26.69
C VAL D 19 -17.85 -19.50 -27.43
N VAL D 20 -18.95 -19.31 -26.67
CA VAL D 20 -20.33 -19.26 -27.16
C VAL D 20 -20.53 -18.09 -28.16
N ALA D 21 -20.15 -16.88 -27.74
CA ALA D 21 -20.25 -15.67 -28.56
C ALA D 21 -19.20 -14.67 -28.11
N ALA D 22 -18.68 -13.85 -29.04
CA ALA D 22 -17.64 -12.87 -28.72
C ALA D 22 -17.61 -11.65 -29.63
N THR D 23 -17.32 -10.50 -29.01
CA THR D 23 -17.09 -9.21 -29.65
C THR D 23 -15.56 -9.02 -29.53
N PRO D 24 -14.92 -7.96 -30.09
CA PRO D 24 -13.45 -7.84 -29.88
C PRO D 24 -13.08 -7.36 -28.47
N THR D 25 -14.09 -7.05 -27.62
CA THR D 25 -13.93 -6.58 -26.23
C THR D 25 -14.46 -7.52 -25.15
N SER D 26 -15.49 -8.32 -25.47
CA SER D 26 -16.11 -9.23 -24.52
C SER D 26 -16.24 -10.65 -25.04
N LEU D 27 -16.40 -11.61 -24.12
CA LEU D 27 -16.51 -13.05 -24.41
C LEU D 27 -17.54 -13.77 -23.53
N LEU D 28 -18.18 -14.81 -24.10
CA LEU D 28 -19.10 -15.67 -23.37
C LEU D 28 -18.57 -17.09 -23.45
N ILE D 29 -18.28 -17.67 -22.29
CA ILE D 29 -17.68 -18.99 -22.21
C ILE D 29 -18.63 -20.03 -21.61
N SER D 30 -18.54 -21.26 -22.13
CA SER D 30 -19.35 -22.37 -21.68
C SER D 30 -18.50 -23.61 -21.44
N TRP D 31 -18.75 -24.28 -20.33
CA TRP D 31 -18.09 -25.53 -20.00
C TRP D 31 -19.13 -26.58 -19.56
N PRO D 32 -18.97 -27.81 -20.02
CA PRO D 32 -19.91 -28.87 -19.70
C PRO D 32 -19.74 -29.32 -18.26
N PRO D 33 -20.89 -29.67 -17.58
CA PRO D 33 -20.79 -29.42 -16.15
C PRO D 33 -20.39 -30.68 -15.42
N PRO D 34 -19.04 -30.90 -15.23
CA PRO D 34 -18.66 -32.30 -15.42
C PRO D 34 -19.01 -33.15 -14.23
N TYR D 35 -18.38 -34.32 -14.13
CA TYR D 35 -19.03 -35.48 -13.54
C TYR D 35 -18.71 -35.63 -12.05
N TYR D 36 -18.30 -34.52 -11.42
CA TYR D 36 -17.79 -34.60 -10.05
C TYR D 36 -18.36 -33.52 -9.13
N VAL D 37 -19.26 -32.70 -9.64
CA VAL D 37 -19.78 -31.57 -8.88
C VAL D 37 -19.82 -31.91 -7.39
N GLU D 38 -20.15 -33.15 -7.10
CA GLU D 38 -20.04 -33.70 -5.73
C GLU D 38 -18.68 -34.40 -5.44
N GLY D 39 -17.65 -33.62 -5.13
CA GLY D 39 -17.76 -32.18 -4.95
C GLY D 39 -16.65 -31.27 -5.39
N VAL D 40 -17.01 -30.33 -6.24
CA VAL D 40 -16.23 -29.18 -6.67
C VAL D 40 -17.01 -28.07 -5.97
N THR D 41 -16.33 -27.06 -5.41
CA THR D 41 -16.98 -25.97 -4.68
C THR D 41 -17.12 -24.75 -5.52
N VAL D 42 -16.08 -24.43 -6.27
CA VAL D 42 -15.98 -23.24 -7.07
C VAL D 42 -15.14 -23.51 -8.32
N PHE D 43 -15.23 -22.62 -9.32
CA PHE D 43 -14.45 -22.73 -10.55
C PHE D 43 -13.59 -21.50 -10.70
N ARG D 44 -12.26 -21.67 -10.65
CA ARG D 44 -11.35 -20.55 -10.84
C ARG D 44 -11.14 -20.36 -12.34
N ILE D 45 -11.59 -19.22 -12.88
CA ILE D 45 -11.51 -18.94 -14.31
C ILE D 45 -10.47 -17.89 -14.54
N THR D 46 -9.51 -18.19 -15.45
CA THR D 46 -8.38 -17.30 -15.73
C THR D 46 -8.30 -16.86 -17.19
N TYR D 47 -7.71 -15.66 -17.41
CA TYR D 47 -7.50 -15.06 -18.73
C TYR D 47 -6.36 -14.04 -18.72
N GLY D 48 -5.54 -14.14 -19.75
CA GLY D 48 -4.39 -13.26 -19.94
C GLY D 48 -3.82 -13.42 -21.33
N GLU D 49 -3.24 -12.32 -21.84
CA GLU D 49 -2.88 -12.19 -23.24
C GLU D 49 -1.78 -13.17 -23.61
N THR D 50 -2.03 -13.97 -24.63
CA THR D 50 -1.52 -15.34 -24.64
C THR D 50 -0.03 -15.33 -24.38
N GLY D 51 0.65 -14.34 -24.95
CA GLY D 51 2.03 -14.03 -24.60
C GLY D 51 2.14 -13.44 -23.21
N GLY D 52 3.26 -13.70 -22.56
CA GLY D 52 3.30 -13.83 -21.12
C GLY D 52 2.89 -12.54 -20.44
N ASN D 53 3.32 -11.42 -21.01
CA ASN D 53 3.90 -10.34 -20.22
C ASN D 53 2.89 -9.78 -19.24
N SER D 54 1.64 -9.68 -19.69
CA SER D 54 0.58 -9.14 -18.84
C SER D 54 0.38 -10.04 -17.63
N PRO D 55 0.13 -9.42 -16.48
CA PRO D 55 -0.18 -10.17 -15.24
C PRO D 55 -1.57 -10.83 -15.29
N VAL D 56 -1.58 -12.18 -15.22
CA VAL D 56 -2.74 -13.08 -15.32
C VAL D 56 -3.91 -12.64 -14.42
N GLN D 57 -5.12 -12.61 -15.01
CA GLN D 57 -6.37 -12.25 -14.32
C GLN D 57 -7.15 -13.51 -13.94
N GLU D 58 -7.87 -13.46 -12.81
CA GLU D 58 -8.68 -14.59 -12.32
C GLU D 58 -9.91 -14.14 -11.52
N PHE D 59 -10.94 -15.01 -11.49
CA PHE D 59 -12.20 -14.84 -10.75
C PHE D 59 -12.82 -16.20 -10.51
N THR D 60 -13.66 -16.35 -9.47
CA THR D 60 -14.31 -17.61 -9.21
C THR D 60 -15.80 -17.52 -9.38
N VAL D 61 -16.44 -18.67 -9.68
CA VAL D 61 -17.88 -18.83 -9.86
C VAL D 61 -18.32 -20.10 -9.13
N PRO D 62 -19.58 -20.21 -8.60
CA PRO D 62 -19.99 -21.45 -7.89
C PRO D 62 -19.99 -22.71 -8.75
N TYR D 63 -19.87 -23.87 -8.11
CA TYR D 63 -19.82 -25.17 -8.79
C TYR D 63 -20.96 -25.43 -9.77
N TRP D 64 -22.15 -24.87 -9.46
CA TRP D 64 -23.35 -25.02 -10.28
C TRP D 64 -23.38 -24.16 -11.56
N THR D 65 -22.33 -23.38 -11.86
CA THR D 65 -22.37 -22.53 -13.04
C THR D 65 -21.73 -23.19 -14.25
N GLU D 66 -22.37 -23.05 -15.42
CA GLU D 66 -21.87 -23.61 -16.69
C GLU D 66 -21.44 -22.49 -17.64
N THR D 67 -21.80 -21.23 -17.31
CA THR D 67 -21.47 -20.06 -18.12
C THR D 67 -20.90 -18.90 -17.24
N ALA D 68 -19.93 -18.18 -17.83
CA ALA D 68 -19.22 -17.05 -17.25
C ALA D 68 -18.91 -16.01 -18.33
N THR D 69 -18.66 -14.77 -17.90
CA THR D 69 -18.33 -13.64 -18.77
C THR D 69 -16.92 -13.14 -18.46
N ILE D 70 -16.16 -12.83 -19.53
CA ILE D 70 -14.81 -12.25 -19.49
C ILE D 70 -14.90 -10.94 -20.26
N SER D 71 -14.67 -9.81 -19.57
CA SER D 71 -14.81 -8.48 -20.17
C SER D 71 -13.51 -7.66 -20.18
N GLY D 72 -13.57 -6.51 -20.85
CA GLY D 72 -12.46 -5.56 -20.98
C GLY D 72 -11.31 -5.97 -21.87
N LEU D 73 -11.51 -6.99 -22.73
CA LEU D 73 -10.48 -7.49 -23.64
C LEU D 73 -10.10 -6.47 -24.71
N LYS D 74 -8.89 -6.59 -25.27
CA LYS D 74 -8.39 -5.69 -26.30
C LYS D 74 -8.65 -6.28 -27.70
N PRO D 75 -9.01 -5.43 -28.69
CA PRO D 75 -9.38 -5.94 -30.04
C PRO D 75 -8.24 -6.55 -30.88
N GLY D 76 -8.54 -7.71 -31.49
CA GLY D 76 -7.60 -8.45 -32.33
C GLY D 76 -6.36 -8.94 -31.60
N VAL D 77 -6.52 -9.34 -30.32
CA VAL D 77 -5.42 -9.80 -29.46
C VAL D 77 -5.63 -11.26 -29.07
N ASP D 78 -4.53 -12.03 -28.99
CA ASP D 78 -4.59 -13.43 -28.60
C ASP D 78 -4.58 -13.59 -27.09
N TYR D 79 -5.67 -14.15 -26.55
CA TYR D 79 -5.85 -14.39 -25.11
C TYR D 79 -5.91 -15.88 -24.81
N THR D 80 -5.48 -16.28 -23.59
CA THR D 80 -5.53 -17.66 -23.09
C THR D 80 -6.52 -17.76 -21.92
N ILE D 81 -7.41 -18.77 -21.97
CA ILE D 81 -8.43 -19.01 -20.95
C ILE D 81 -8.26 -20.40 -20.34
N THR D 82 -8.37 -20.48 -18.99
CA THR D 82 -8.24 -21.72 -18.23
C THR D 82 -9.24 -21.80 -17.10
N VAL D 83 -9.78 -23.00 -16.87
CA VAL D 83 -10.75 -23.25 -15.81
C VAL D 83 -10.17 -24.30 -14.87
N TYR D 84 -10.10 -23.98 -13.58
CA TYR D 84 -9.59 -24.86 -12.54
C TYR D 84 -10.74 -25.22 -11.64
N ALA D 85 -10.97 -26.51 -11.43
CA ALA D 85 -12.02 -27.00 -10.55
C ALA D 85 -11.40 -27.14 -9.14
N GLU D 86 -12.07 -26.58 -8.10
CA GLU D 86 -11.57 -26.64 -6.73
C GLU D 86 -12.46 -27.52 -5.89
N MET D 87 -11.95 -28.68 -5.45
CA MET D 87 -12.74 -29.64 -4.67
C MET D 87 -12.85 -29.26 -3.21
N TYR D 88 -14.04 -29.55 -2.72
CA TYR D 88 -14.18 -29.50 -1.28
C TYR D 88 -13.35 -30.58 -0.59
N PRO D 89 -12.84 -30.27 0.68
CA PRO D 89 -11.77 -31.11 1.25
C PRO D 89 -12.19 -32.55 1.46
N GLY D 90 -11.72 -33.46 0.61
CA GLY D 90 -12.22 -34.82 0.56
C GLY D 90 -12.94 -35.10 -0.76
N SER D 91 -13.23 -36.37 -1.01
CA SER D 91 -12.85 -37.02 -2.26
C SER D 91 -12.97 -36.09 -3.46
N PRO D 92 -11.91 -36.10 -4.35
CA PRO D 92 -12.30 -35.74 -5.73
C PRO D 92 -13.49 -36.55 -6.22
N TRP D 93 -14.04 -36.16 -7.36
CA TRP D 93 -14.96 -37.00 -8.13
C TRP D 93 -16.16 -37.42 -7.29
N MET D 98 -8.17 -37.34 -5.96
CA MET D 98 -6.82 -37.36 -6.51
C MET D 98 -6.85 -37.54 -8.04
N ASP D 99 -7.88 -37.00 -8.68
CA ASP D 99 -7.78 -36.59 -10.09
C ASP D 99 -8.18 -35.14 -10.32
N ILE D 100 -7.37 -34.40 -11.07
CA ILE D 100 -7.84 -33.27 -11.86
C ILE D 100 -7.10 -33.15 -13.19
N GLN D 101 -7.69 -32.46 -14.16
CA GLN D 101 -6.91 -31.56 -15.01
C GLN D 101 -7.58 -30.21 -15.28
N PRO D 102 -6.85 -29.03 -15.56
CA PRO D 102 -7.42 -27.76 -16.04
C PRO D 102 -7.66 -27.74 -17.55
N ILE D 103 -8.88 -27.39 -17.97
CA ILE D 103 -9.28 -27.27 -19.38
C ILE D 103 -8.85 -25.90 -19.93
N SER D 104 -8.34 -25.86 -21.18
CA SER D 104 -7.83 -24.64 -21.81
C SER D 104 -8.26 -24.40 -23.26
N ILE D 105 -8.30 -23.11 -23.67
CA ILE D 105 -8.63 -22.65 -25.03
C ILE D 105 -7.90 -21.32 -25.34
N ASN D 106 -7.54 -21.10 -26.61
CA ASN D 106 -6.87 -19.87 -27.06
C ASN D 106 -7.74 -19.15 -28.09
N TYR D 107 -7.97 -17.84 -27.87
CA TYR D 107 -8.86 -17.04 -28.71
C TYR D 107 -8.25 -15.73 -29.16
N ARG D 108 -8.58 -15.34 -30.41
CA ARG D 108 -8.18 -14.09 -31.06
C ARG D 108 -9.45 -13.23 -31.23
N THR D 109 -9.42 -11.97 -30.80
CA THR D 109 -10.58 -11.07 -30.83
C THR D 109 -10.59 -10.07 -31.98
C13 40U E . 13.90 11.06 8.02
C18 40U E . 16.77 12.20 9.93
C17 40U E . 12.34 13.39 5.49
C16 40U E . 13.45 13.93 6.34
C15 40U E . 12.40 13.00 6.96
C19 40U E . 15.86 11.61 10.99
C20 40U E . 16.68 13.73 9.99
C21 40U E . 19.40 6.98 7.73
C22 40U E . 17.29 7.84 6.35
C11 40U E . 17.31 11.75 7.47
C12 40U E . 16.34 11.52 8.60
CL 40U E . 19.69 4.61 1.15
C 40U E . 19.72 5.65 2.47
C5 40U E . 18.81 6.68 2.53
C4 40U E . 18.86 7.55 3.59
C3 40U E . 19.68 7.37 4.67
C2 40U E . 20.67 6.34 4.54
C1 40U E . 20.67 5.45 3.48
C6 40U E . 19.54 8.53 5.76
O2 40U E . 20.88 8.82 6.17
C10 40U E . 19.10 9.98 5.26
C9 40U E . 19.21 11.09 6.28
N 40U E . 18.31 10.76 7.37
C8 40U E . 18.78 9.44 7.99
C7 40U E . 18.70 8.15 6.98
O 40U E . 17.27 12.70 6.71
N1 40U E . 15.04 11.84 8.01
O1 40U E . 13.92 9.99 8.61
C14 40U E . 12.63 11.53 7.28
C13 40U F . -16.60 -5.13 8.10
C18 40U F . -20.14 -5.07 9.26
C17 40U F . -15.75 -8.25 9.29
C16 40U F . -14.39 -8.35 8.69
C15 40U F . -15.36 -7.35 8.14
C19 40U F . -19.49 -3.93 10.00
C20 40U F . -20.34 -6.21 10.24
C21 40U F . -21.21 -2.70 3.47
C22 40U F . -18.89 -4.04 3.74
C11 40U F . -19.75 -6.31 7.04
C12 40U F . -19.18 -5.33 8.03
CL 40U F . -19.16 -4.94 -2.80
C 40U F . -19.59 -5.03 -1.18
C5 40U F . -20.76 -4.41 -0.74
C4 40U F . -21.11 -4.51 0.60
C3 40U F . -20.31 -5.10 1.53
C2 40U F . -19.17 -5.82 1.02
C1 40U F . -18.77 -5.74 -0.31
C6 40U F . -20.93 -5.15 3.00
O2 40U F . -22.35 -5.19 2.91
C10 40U F . -20.64 -6.56 3.73
C9 40U F . -21.09 -6.77 5.16
N 40U F . -20.53 -5.71 5.99
C8 40U F . -21.02 -4.37 5.42
C7 40U F . -20.47 -4.02 3.91
O 40U F . -19.60 -7.50 7.12
N1 40U F . -17.83 -5.81 8.30
O1 40U F . -16.62 -3.97 7.69
C14 40U F . -15.28 -5.87 8.39
#